data_4H7V
#
_entry.id   4H7V
#
_cell.length_a   63.7
_cell.length_b   71.2
_cell.length_c   85.4
_cell.angle_alpha   118.1
_cell.angle_beta   90.2
_cell.angle_gamma   109.7
#
_symmetry.space_group_name_H-M   'P 1'
#
loop_
_entity.id
_entity.type
_entity.pdbx_description
1 polymer 'Sucrose isomerase'
2 non-polymer 'CALCIUM ION'
3 non-polymer alpha-D-glucopyranose
4 non-polymer GLYCEROL
5 water water
#
_entity_poly.entity_id   1
_entity_poly.type   'polypeptide(L)'
_entity_poly.pdbx_seq_one_letter_code
;KPGAPWWKSAVFYQVYPRSFKDTNGDGIGDFKGLTEKLDYLKGLGIDAIWINPHYASPNTDNGYDISDYREVMKEYGTME
DFDRLMAELKKRGMRLMVDVVINHSSDQHEWFKSSRASKDNPYRDYYFWRDGKDGHEPNNYPSFFGGSAWEKDPVTGQYY
LHYFGRQQPDLNWDTPKLREELYAMLRFWLDKGVSGMRFATVATYSKTPGFPDLTPEQMKNFAEAYTQGPNLHRYLQEMH
EKVFDHYDAVTAGEIFGAPLNQVPLFIDSRRKELDMAFTFDLIRYDRALDRWHTIPRTLADFRQTIDKVDAIAGEYGWNT
FFLGNHDNPRAVSHFGDDRPQWREASAKALATVTLTQRGTPFIFQGDELGMTNYPFKTLQDFDDIEVKGFFQDYVETGKA
TAEELLTNVALTSRNNARTPFQWDDSANAGFTTGKPWLKVNPNYTEINAAREIGDPKSVYSFYRNLISIRHETPALSTGS
YRDIDPSNADVYAYTRSQDGETYLVVVNFKAEPRSFTLPDGMHIAETLIESSSPAAPAAGAASLELQPWQSGIYKVK
;
_entity_poly.pdbx_strand_id   A,B
#
loop_
_chem_comp.id
_chem_comp.type
_chem_comp.name
_chem_comp.formula
CA non-polymer 'CALCIUM ION' 'Ca 2'
GLC D-saccharide, alpha linking alpha-D-glucopyranose 'C6 H12 O6'
GOL non-polymer GLYCEROL 'C3 H8 O3'
#
# COMPACT_ATOMS: atom_id res chain seq x y z
N GLY A 3 -39.69 29.81 -31.37
CA GLY A 3 -40.15 28.43 -31.50
C GLY A 3 -39.54 27.50 -30.46
N ALA A 4 -39.92 26.23 -30.49
CA ALA A 4 -39.38 25.27 -29.52
C ALA A 4 -38.20 24.55 -30.14
N PRO A 5 -37.14 24.28 -29.34
CA PRO A 5 -35.98 23.53 -29.82
C PRO A 5 -36.40 22.20 -30.41
N TRP A 6 -35.68 21.69 -31.40
CA TRP A 6 -36.06 20.42 -32.02
C TRP A 6 -36.30 19.32 -30.99
N TRP A 7 -35.52 19.34 -29.91
CA TRP A 7 -35.57 18.22 -28.96
C TRP A 7 -36.85 18.12 -28.14
N LYS A 8 -37.59 19.23 -27.99
CA LYS A 8 -38.86 19.23 -27.28
C LYS A 8 -39.97 18.54 -28.05
N SER A 9 -39.84 18.48 -29.37
CA SER A 9 -40.83 17.76 -30.19
C SER A 9 -40.31 16.45 -30.81
N ALA A 10 -39.11 16.02 -30.41
CA ALA A 10 -38.50 14.81 -30.92
C ALA A 10 -39.04 13.59 -30.19
N VAL A 11 -39.10 12.46 -30.88
CA VAL A 11 -39.21 11.18 -30.19
C VAL A 11 -37.86 10.48 -30.26
N PHE A 12 -37.28 10.14 -29.10
CA PHE A 12 -36.02 9.43 -29.06
C PHE A 12 -36.26 7.96 -28.89
N TYR A 13 -35.26 7.15 -29.29
CA TYR A 13 -35.32 5.70 -29.15
C TYR A 13 -34.02 5.37 -28.51
N GLN A 14 -34.03 4.56 -27.44
CA GLN A 14 -32.76 4.20 -26.84
C GLN A 14 -32.25 2.86 -27.34
N VAL A 15 -30.98 2.80 -27.76
CA VAL A 15 -30.42 1.57 -28.27
C VAL A 15 -29.35 1.10 -27.32
N TYR A 16 -29.47 -0.13 -26.84
CA TYR A 16 -28.48 -0.70 -25.99
C TYR A 16 -27.69 -1.54 -26.96
N PRO A 17 -26.53 -1.03 -27.46
CA PRO A 17 -25.95 -1.62 -28.68
C PRO A 17 -25.57 -3.10 -28.47
N ARG A 18 -25.15 -3.45 -27.28
CA ARG A 18 -24.77 -4.82 -26.93
C ARG A 18 -25.86 -5.84 -27.26
N SER A 19 -27.12 -5.40 -27.24
CA SER A 19 -28.26 -6.33 -27.33
C SER A 19 -29.19 -5.97 -28.48
N PHE A 20 -28.74 -5.10 -29.38
CA PHE A 20 -29.66 -4.67 -30.47
C PHE A 20 -29.49 -5.55 -31.73
N LYS A 21 -28.34 -5.46 -32.39
CA LYS A 21 -28.11 -6.34 -33.58
C LYS A 21 -26.67 -6.74 -33.76
N ASP A 22 -26.40 -8.04 -33.78
CA ASP A 22 -25.04 -8.51 -33.98
C ASP A 22 -24.83 -8.79 -35.47
N THR A 23 -23.65 -8.47 -36.00
CA THR A 23 -23.42 -8.73 -37.41
C THR A 23 -22.18 -9.58 -37.67
N ASN A 24 -21.47 -10.02 -36.62
CA ASN A 24 -20.31 -10.88 -36.83
C ASN A 24 -20.31 -12.18 -35.99
N GLY A 25 -21.47 -12.64 -35.59
CA GLY A 25 -21.59 -13.92 -34.89
C GLY A 25 -20.90 -14.11 -33.56
N ASP A 26 -20.41 -13.04 -32.91
CA ASP A 26 -19.82 -13.19 -31.60
C ASP A 26 -20.87 -13.07 -30.49
N GLY A 27 -22.13 -12.91 -30.88
CA GLY A 27 -23.23 -12.85 -29.93
C GLY A 27 -23.40 -11.51 -29.20
N ILE A 28 -22.61 -10.52 -29.58
CA ILE A 28 -22.75 -9.19 -28.96
C ILE A 28 -23.15 -8.21 -30.04
N GLY A 29 -24.16 -7.36 -29.80
CA GLY A 29 -24.54 -6.37 -30.79
C GLY A 29 -23.42 -5.39 -31.11
N ASP A 30 -23.55 -4.70 -32.25
CA ASP A 30 -22.43 -3.84 -32.68
C ASP A 30 -22.95 -2.70 -33.58
N PHE A 31 -22.03 -1.79 -33.95
CA PHE A 31 -22.37 -0.59 -34.70
C PHE A 31 -22.86 -0.93 -36.10
N LYS A 32 -22.27 -1.92 -36.76
CA LYS A 32 -22.75 -2.33 -38.10
C LYS A 32 -24.20 -2.84 -38.03
N GLY A 33 -24.51 -3.57 -36.94
CA GLY A 33 -25.87 -4.02 -36.72
C GLY A 33 -26.86 -2.89 -36.52
N LEU A 34 -26.52 -1.95 -35.63
CA LEU A 34 -27.33 -0.78 -35.50
C LEU A 34 -27.48 -0.07 -36.82
N THR A 35 -26.38 0.10 -37.53
CA THR A 35 -26.42 0.93 -38.76
C THR A 35 -27.32 0.28 -39.78
N GLU A 36 -27.32 -1.05 -39.80
N GLU A 36 -27.31 -1.04 -39.82
CA GLU A 36 -28.12 -1.79 -40.78
CA GLU A 36 -28.10 -1.75 -40.81
C GLU A 36 -29.60 -1.69 -40.48
C GLU A 36 -29.59 -1.75 -40.47
N LYS A 37 -29.94 -1.25 -39.28
CA LYS A 37 -31.34 -1.18 -38.85
C LYS A 37 -31.91 0.22 -38.77
N LEU A 38 -31.18 1.21 -39.28
CA LEU A 38 -31.67 2.57 -39.23
C LEU A 38 -32.96 2.76 -40.02
N ASP A 39 -33.09 2.12 -41.18
CA ASP A 39 -34.36 2.26 -41.91
C ASP A 39 -35.53 1.78 -41.03
N TYR A 40 -35.32 0.72 -40.25
CA TYR A 40 -36.38 0.21 -39.35
C TYR A 40 -36.74 1.30 -38.35
N LEU A 41 -35.73 1.93 -37.71
CA LEU A 41 -36.03 3.05 -36.78
C LEU A 41 -36.62 4.28 -37.44
N LYS A 42 -36.16 4.58 -38.65
CA LYS A 42 -36.71 5.72 -39.38
C LYS A 42 -38.17 5.45 -39.75
N GLY A 43 -38.47 4.23 -40.16
CA GLY A 43 -39.85 3.92 -40.50
C GLY A 43 -40.81 3.93 -39.31
N LEU A 44 -40.28 3.57 -38.14
CA LEU A 44 -41.03 3.68 -36.88
C LEU A 44 -41.35 5.15 -36.59
N GLY A 45 -40.51 6.06 -37.07
CA GLY A 45 -40.78 7.48 -36.88
C GLY A 45 -39.81 8.19 -35.92
N ILE A 46 -38.72 7.53 -35.59
CA ILE A 46 -37.79 7.98 -34.55
C ILE A 46 -36.98 9.14 -35.11
N ASP A 47 -36.84 10.20 -34.31
CA ASP A 47 -36.08 11.41 -34.70
C ASP A 47 -34.63 11.36 -34.30
N ALA A 48 -34.31 10.61 -33.24
CA ALA A 48 -32.96 10.65 -32.70
C ALA A 48 -32.79 9.43 -31.84
N ILE A 49 -31.58 8.89 -31.79
CA ILE A 49 -31.33 7.72 -30.99
C ILE A 49 -30.38 8.11 -29.89
N TRP A 50 -30.61 7.58 -28.69
CA TRP A 50 -29.59 7.61 -27.67
C TRP A 50 -28.95 6.23 -27.55
N ILE A 51 -27.62 6.19 -27.64
CA ILE A 51 -26.91 4.92 -27.46
C ILE A 51 -26.21 4.88 -26.14
N ASN A 52 -26.24 3.70 -25.54
CA ASN A 52 -25.49 3.43 -24.31
C ASN A 52 -24.00 3.47 -24.58
N PRO A 53 -23.18 3.44 -23.51
CA PRO A 53 -21.79 3.82 -23.73
C PRO A 53 -21.12 2.98 -24.78
N HIS A 54 -20.32 3.64 -25.62
CA HIS A 54 -19.76 3.00 -26.78
C HIS A 54 -18.25 3.05 -26.77
N TYR A 55 -17.65 3.40 -25.63
CA TYR A 55 -16.20 3.58 -25.45
C TYR A 55 -15.45 2.35 -25.02
N ALA A 56 -14.14 2.33 -25.29
CA ALA A 56 -13.26 1.29 -24.78
C ALA A 56 -13.58 1.02 -23.31
N SER A 57 -13.76 -0.25 -22.97
CA SER A 57 -14.25 -0.62 -21.65
C SER A 57 -13.87 -2.08 -21.35
N PRO A 58 -13.40 -2.38 -20.14
CA PRO A 58 -13.25 -3.81 -19.73
C PRO A 58 -14.59 -4.54 -19.56
N ASN A 59 -15.69 -3.79 -19.60
CA ASN A 59 -17.03 -4.31 -19.53
C ASN A 59 -17.41 -4.96 -18.21
N THR A 60 -16.82 -4.50 -17.10
CA THR A 60 -17.25 -5.00 -15.79
C THR A 60 -18.65 -4.48 -15.57
N ASP A 61 -18.99 -3.38 -16.23
CA ASP A 61 -20.35 -2.86 -16.17
C ASP A 61 -20.89 -2.49 -17.56
N ASN A 62 -20.64 -3.36 -18.54
CA ASN A 62 -21.18 -3.22 -19.89
C ASN A 62 -21.13 -1.80 -20.42
N GLY A 63 -19.90 -1.29 -20.45
CA GLY A 63 -19.65 0.00 -21.01
C GLY A 63 -19.58 1.17 -20.00
N TYR A 64 -20.16 1.00 -18.82
CA TYR A 64 -20.17 2.11 -17.86
C TYR A 64 -18.83 2.22 -17.08
N ASP A 65 -17.87 1.34 -17.42
CA ASP A 65 -16.49 1.44 -16.91
C ASP A 65 -15.53 1.67 -18.06
N ILE A 66 -15.19 2.94 -18.27
CA ILE A 66 -14.54 3.33 -19.51
C ILE A 66 -13.04 3.46 -19.33
N SER A 67 -12.26 2.74 -20.13
CA SER A 67 -10.83 2.80 -19.98
C SER A 67 -10.15 3.73 -20.98
N ASP A 68 -10.92 4.31 -21.92
CA ASP A 68 -10.37 5.30 -22.86
C ASP A 68 -11.56 5.98 -23.48
N TYR A 69 -11.70 7.28 -23.18
CA TYR A 69 -12.90 8.01 -23.62
C TYR A 69 -12.83 8.41 -25.09
N ARG A 70 -11.67 8.26 -25.72
CA ARG A 70 -11.53 8.69 -27.10
C ARG A 70 -11.39 7.50 -28.05
N GLU A 71 -11.75 6.31 -27.58
CA GLU A 71 -11.75 5.15 -28.48
C GLU A 71 -13.06 4.40 -28.37
N VAL A 72 -13.43 3.75 -29.46
CA VAL A 72 -14.66 3.00 -29.49
C VAL A 72 -14.45 1.65 -28.84
N MET A 73 -15.48 1.13 -28.18
CA MET A 73 -15.43 -0.20 -27.59
C MET A 73 -15.18 -1.24 -28.68
N LYS A 74 -14.18 -2.08 -28.47
CA LYS A 74 -13.74 -3.05 -29.47
C LYS A 74 -14.91 -3.91 -29.97
N GLU A 75 -15.75 -4.32 -29.04
CA GLU A 75 -16.87 -5.19 -29.37
C GLU A 75 -17.86 -4.50 -30.32
N TYR A 76 -17.93 -3.17 -30.31
CA TYR A 76 -18.95 -2.51 -31.21
C TYR A 76 -18.38 -2.16 -32.57
N GLY A 77 -17.06 -2.18 -32.69
CA GLY A 77 -16.48 -1.81 -33.95
C GLY A 77 -15.34 -0.85 -33.80
N THR A 78 -15.10 -0.07 -34.84
CA THR A 78 -13.97 0.82 -34.87
C THR A 78 -14.53 2.21 -34.91
N MET A 79 -13.65 3.21 -34.80
CA MET A 79 -14.10 4.62 -34.94
C MET A 79 -14.77 4.83 -36.32
N GLU A 80 -14.23 4.17 -37.35
CA GLU A 80 -14.87 4.19 -38.68
C GLU A 80 -16.32 3.75 -38.65
N ASP A 81 -16.63 2.68 -37.92
CA ASP A 81 -18.01 2.24 -37.80
C ASP A 81 -18.84 3.30 -37.08
N PHE A 82 -18.26 3.96 -36.08
CA PHE A 82 -18.99 5.01 -35.37
C PHE A 82 -19.27 6.16 -36.34
N ASP A 83 -18.24 6.48 -37.14
CA ASP A 83 -18.37 7.57 -38.11
C ASP A 83 -19.46 7.25 -39.14
N ARG A 84 -19.50 5.99 -39.57
CA ARG A 84 -20.50 5.50 -40.51
C ARG A 84 -21.91 5.54 -39.90
N LEU A 85 -22.05 5.09 -38.66
CA LEU A 85 -23.31 5.29 -37.95
C LEU A 85 -23.80 6.75 -37.99
N MET A 86 -22.96 7.72 -37.62
CA MET A 86 -23.36 9.11 -37.65
C MET A 86 -23.76 9.59 -39.04
N ALA A 87 -22.91 9.28 -40.02
CA ALA A 87 -23.21 9.63 -41.38
C ALA A 87 -24.52 9.02 -41.85
N GLU A 88 -24.79 7.75 -41.51
CA GLU A 88 -26.05 7.14 -41.96
C GLU A 88 -27.26 7.70 -41.22
N LEU A 89 -27.10 8.04 -39.93
CA LEU A 89 -28.17 8.75 -39.24
C LEU A 89 -28.47 10.07 -39.95
N LYS A 90 -27.41 10.78 -40.32
CA LYS A 90 -27.58 12.13 -40.82
C LYS A 90 -28.23 12.07 -42.19
N LYS A 91 -27.97 10.98 -42.91
CA LYS A 91 -28.57 10.78 -44.23
C LYS A 91 -30.07 10.78 -44.06
N ARG A 92 -30.53 10.26 -42.92
CA ARG A 92 -31.95 10.04 -42.70
C ARG A 92 -32.58 11.14 -41.87
N GLY A 93 -31.84 12.22 -41.65
CA GLY A 93 -32.36 13.37 -40.93
C GLY A 93 -32.51 13.02 -39.46
N MET A 94 -31.73 12.05 -39.01
CA MET A 94 -31.84 11.55 -37.62
C MET A 94 -30.63 11.98 -36.84
N ARG A 95 -30.77 12.08 -35.49
CA ARG A 95 -29.67 12.55 -34.66
C ARG A 95 -29.16 11.54 -33.66
N LEU A 96 -27.90 11.69 -33.25
CA LEU A 96 -27.35 10.75 -32.29
C LEU A 96 -27.13 11.43 -30.94
N MET A 97 -27.60 10.80 -29.87
CA MET A 97 -27.20 11.22 -28.53
C MET A 97 -26.30 10.14 -27.95
N VAL A 98 -25.13 10.51 -27.39
CA VAL A 98 -24.26 9.50 -26.77
C VAL A 98 -24.29 9.61 -25.26
N ASP A 99 -23.89 8.52 -24.59
CA ASP A 99 -23.88 8.46 -23.13
C ASP A 99 -22.55 8.99 -22.64
N VAL A 100 -22.55 9.82 -21.59
CA VAL A 100 -21.31 10.36 -21.06
C VAL A 100 -21.21 9.92 -19.63
N VAL A 101 -20.15 9.16 -19.33
CA VAL A 101 -19.96 8.55 -18.01
C VAL A 101 -18.72 9.15 -17.38
N ILE A 102 -18.91 10.26 -16.66
CA ILE A 102 -17.75 10.99 -16.12
C ILE A 102 -17.91 11.25 -14.63
N ASN A 103 -18.77 10.50 -13.98
CA ASN A 103 -18.69 10.38 -12.53
C ASN A 103 -17.48 9.51 -12.17
N HIS A 104 -17.12 8.57 -13.04
CA HIS A 104 -16.13 7.56 -12.71
C HIS A 104 -15.57 7.03 -14.02
N SER A 105 -14.36 6.48 -13.96
CA SER A 105 -13.76 5.75 -15.07
C SER A 105 -13.56 4.29 -14.68
N SER A 106 -13.09 3.48 -15.63
CA SER A 106 -12.57 2.16 -15.27
C SER A 106 -11.31 2.32 -14.44
N ASP A 107 -11.00 1.33 -13.62
CA ASP A 107 -9.70 1.32 -12.96
C ASP A 107 -8.59 0.96 -13.94
N GLN A 108 -8.94 0.65 -15.19
CA GLN A 108 -7.91 0.39 -16.21
C GLN A 108 -7.59 1.61 -17.04
N HIS A 109 -8.30 2.71 -16.78
CA HIS A 109 -7.98 3.96 -17.44
C HIS A 109 -6.56 4.35 -16.98
N GLU A 110 -5.78 4.90 -17.91
CA GLU A 110 -4.41 5.25 -17.63
C GLU A 110 -4.34 6.28 -16.56
N TRP A 111 -5.36 7.15 -16.47
CA TRP A 111 -5.36 8.16 -15.39
C TRP A 111 -5.28 7.46 -14.05
N PHE A 112 -6.02 6.37 -13.92
CA PHE A 112 -6.06 5.68 -12.64
C PHE A 112 -4.81 4.86 -12.44
N LYS A 113 -4.32 4.25 -13.52
CA LYS A 113 -3.04 3.55 -13.42
C LYS A 113 -1.93 4.48 -12.93
N SER A 114 -1.90 5.72 -13.41
CA SER A 114 -0.93 6.64 -12.87
C SER A 114 -1.29 7.07 -11.44
N SER A 115 -2.55 7.47 -11.22
CA SER A 115 -3.01 8.00 -9.93
C SER A 115 -2.57 7.06 -8.79
N ARG A 116 -2.62 5.76 -9.05
CA ARG A 116 -2.39 4.84 -7.94
C ARG A 116 -0.92 4.69 -7.58
N ALA A 117 -0.05 5.20 -8.43
CA ALA A 117 1.40 4.95 -8.30
C ALA A 117 2.04 5.51 -7.03
N SER A 118 1.66 6.76 -6.67
CA SER A 118 2.19 7.42 -5.48
C SER A 118 1.36 8.62 -5.10
N LYS A 119 1.56 9.13 -3.88
CA LYS A 119 0.77 10.27 -3.43
C LYS A 119 1.17 11.53 -4.14
N ASP A 120 2.37 11.55 -4.74
CA ASP A 120 2.82 12.75 -5.44
C ASP A 120 2.65 12.62 -6.95
N ASN A 121 1.99 11.56 -7.42
CA ASN A 121 1.80 11.39 -8.86
C ASN A 121 0.94 12.52 -9.44
N PRO A 122 1.25 13.01 -10.64
CA PRO A 122 0.48 14.17 -11.16
C PRO A 122 -1.00 13.89 -11.34
N TYR A 123 -1.33 12.62 -11.41
CA TYR A 123 -2.71 12.18 -11.61
C TYR A 123 -3.32 11.73 -10.27
N ARG A 124 -2.57 11.88 -9.16
CA ARG A 124 -3.07 11.40 -7.88
C ARG A 124 -4.45 11.97 -7.61
N ASP A 125 -4.64 13.26 -7.80
CA ASP A 125 -5.95 13.85 -7.47
C ASP A 125 -6.91 13.88 -8.64
N TYR A 126 -6.69 13.02 -9.64
CA TYR A 126 -7.76 12.77 -10.60
C TYR A 126 -8.86 11.90 -9.96
N TYR A 127 -8.57 11.34 -8.77
CA TYR A 127 -9.45 10.39 -8.04
C TYR A 127 -9.43 10.79 -6.58
N PHE A 128 -10.19 10.11 -5.73
CA PHE A 128 -10.28 10.47 -4.31
C PHE A 128 -9.53 9.44 -3.52
N TRP A 129 -8.39 9.85 -2.96
CA TRP A 129 -7.58 8.94 -2.13
C TRP A 129 -7.58 9.48 -0.72
N ARG A 130 -7.85 8.59 0.24
CA ARG A 130 -7.90 9.01 1.64
C ARG A 130 -7.29 7.92 2.55
N ASP A 131 -6.74 8.36 3.66
CA ASP A 131 -6.33 7.45 4.74
C ASP A 131 -7.52 6.74 5.35
N GLY A 132 -7.37 5.47 5.67
CA GLY A 132 -8.35 4.84 6.52
C GLY A 132 -8.42 5.58 7.86
N LYS A 133 -9.51 5.36 8.60
CA LYS A 133 -9.69 5.88 9.98
C LYS A 133 -10.13 4.77 10.91
N ASP A 134 -9.65 4.84 12.15
CA ASP A 134 -10.03 3.90 13.20
C ASP A 134 -9.81 2.45 12.82
N GLY A 135 -8.80 2.18 11.99
CA GLY A 135 -8.55 0.80 11.66
C GLY A 135 -9.35 0.24 10.50
N HIS A 136 -10.14 1.09 9.84
CA HIS A 136 -10.91 0.63 8.68
C HIS A 136 -11.07 1.75 7.66
N GLU A 137 -12.18 1.73 6.91
CA GLU A 137 -12.37 2.66 5.80
C GLU A 137 -12.36 4.12 6.20
N PRO A 138 -12.16 5.02 5.24
CA PRO A 138 -12.19 6.45 5.56
C PRO A 138 -13.50 6.94 6.18
N ASN A 139 -14.62 6.35 5.77
CA ASN A 139 -15.90 6.61 6.42
C ASN A 139 -16.85 5.50 6.07
N ASN A 140 -18.13 5.70 6.36
CA ASN A 140 -19.07 4.58 6.28
C ASN A 140 -19.86 4.53 4.97
N TYR A 141 -19.37 5.22 3.96
CA TYR A 141 -20.03 5.23 2.65
C TYR A 141 -20.16 3.82 2.10
N PRO A 142 -21.39 3.40 1.73
CA PRO A 142 -21.59 2.16 1.00
C PRO A 142 -21.48 2.37 -0.49
N SER A 143 -21.16 1.30 -1.21
CA SER A 143 -21.22 1.28 -2.70
C SER A 143 -22.55 0.75 -3.24
N PHE A 144 -23.06 1.33 -4.32
CA PHE A 144 -24.20 0.71 -5.01
C PHE A 144 -23.99 -0.74 -5.42
N PHE A 145 -22.74 -1.12 -5.68
CA PHE A 145 -22.46 -2.44 -6.26
C PHE A 145 -21.80 -3.35 -5.25
N GLY A 146 -21.96 -3.01 -3.96
CA GLY A 146 -21.67 -3.97 -2.91
C GLY A 146 -20.49 -3.59 -2.01
N GLY A 147 -20.64 -3.80 -0.71
CA GLY A 147 -19.59 -3.42 0.24
C GLY A 147 -19.35 -1.92 0.39
N SER A 148 -18.20 -1.58 0.94
CA SER A 148 -17.77 -0.20 1.08
C SER A 148 -17.46 0.48 -0.27
N ALA A 149 -17.70 1.80 -0.32
CA ALA A 149 -17.34 2.64 -1.48
C ALA A 149 -15.86 3.00 -1.40
N TRP A 150 -15.18 2.47 -0.39
CA TRP A 150 -13.73 2.67 -0.32
C TRP A 150 -12.91 1.38 -0.47
N GLU A 151 -11.89 1.39 -1.33
CA GLU A 151 -11.12 0.18 -1.62
C GLU A 151 -9.66 0.49 -1.30
N LYS A 152 -9.07 -0.29 -0.44
CA LYS A 152 -7.67 -0.02 -0.13
C LYS A 152 -6.77 -0.46 -1.27
N ASP A 153 -5.78 0.35 -1.56
CA ASP A 153 -4.78 -0.01 -2.56
C ASP A 153 -3.43 -0.13 -1.86
N PRO A 154 -2.89 -1.37 -1.81
CA PRO A 154 -1.67 -1.52 -1.03
C PRO A 154 -0.43 -0.88 -1.70
N VAL A 155 -0.56 -0.45 -2.95
CA VAL A 155 0.52 0.34 -3.58
C VAL A 155 0.83 1.63 -2.81
N THR A 156 -0.18 2.26 -2.22
CA THR A 156 0.06 3.40 -1.35
C THR A 156 -0.47 3.24 0.06
N GLY A 157 -1.33 2.24 0.28
CA GLY A 157 -1.93 2.11 1.58
C GLY A 157 -3.11 3.04 1.84
N GLN A 158 -3.46 3.86 0.86
CA GLN A 158 -4.70 4.63 0.96
C GLN A 158 -5.86 3.93 0.24
N TYR A 159 -7.06 4.46 0.44
CA TYR A 159 -8.24 3.90 -0.15
C TYR A 159 -8.71 4.85 -1.24
N TYR A 160 -9.31 4.32 -2.30
CA TYR A 160 -9.93 5.21 -3.32
C TYR A 160 -11.44 5.00 -3.29
N LEU A 161 -12.16 6.04 -3.67
CA LEU A 161 -13.61 6.11 -3.65
C LEU A 161 -14.20 5.52 -4.92
N HIS A 162 -15.17 4.62 -4.78
CA HIS A 162 -15.98 4.19 -5.92
C HIS A 162 -17.43 4.07 -5.43
N TYR A 163 -18.28 4.95 -5.91
CA TYR A 163 -19.71 4.84 -5.61
C TYR A 163 -20.27 3.57 -6.27
N PHE A 164 -19.79 3.27 -7.47
CA PHE A 164 -20.25 2.05 -8.14
C PHE A 164 -19.27 0.91 -7.93
N GLY A 165 -18.79 0.27 -8.99
CA GLY A 165 -17.99 -0.93 -8.78
C GLY A 165 -16.57 -0.67 -8.31
N ARG A 166 -15.95 -1.65 -7.70
CA ARG A 166 -14.57 -1.48 -7.28
C ARG A 166 -13.68 -1.17 -8.47
N GLN A 167 -14.09 -1.61 -9.65
CA GLN A 167 -13.36 -1.22 -10.87
C GLN A 167 -13.89 0.04 -11.58
N GLN A 168 -14.63 0.87 -10.83
CA GLN A 168 -15.19 2.15 -11.30
C GLN A 168 -14.83 3.29 -10.32
N PRO A 169 -13.54 3.59 -10.18
CA PRO A 169 -13.19 4.68 -9.24
C PRO A 169 -13.76 6.02 -9.66
N ASP A 170 -14.25 6.80 -8.69
CA ASP A 170 -14.82 8.11 -9.00
C ASP A 170 -13.80 9.14 -9.37
N LEU A 171 -14.16 9.97 -10.34
CA LEU A 171 -13.25 11.01 -10.84
C LEU A 171 -13.41 12.19 -9.93
N ASN A 172 -12.34 12.94 -9.77
CA ASN A 172 -12.32 14.00 -8.75
C ASN A 172 -12.52 15.35 -9.40
N TRP A 173 -13.79 15.80 -9.42
CA TRP A 173 -14.20 17.04 -10.02
C TRP A 173 -13.67 18.26 -9.27
N ASP A 174 -13.18 18.07 -8.05
CA ASP A 174 -12.54 19.19 -7.37
C ASP A 174 -11.19 19.61 -7.97
N THR A 175 -10.63 18.79 -8.84
CA THR A 175 -9.31 19.05 -9.40
C THR A 175 -9.43 19.73 -10.76
N PRO A 176 -8.93 20.97 -10.89
CA PRO A 176 -9.29 21.65 -12.13
C PRO A 176 -8.67 20.99 -13.36
N LYS A 177 -7.49 20.37 -13.25
CA LYS A 177 -6.92 19.74 -14.45
C LYS A 177 -7.76 18.55 -14.89
N LEU A 178 -8.41 17.91 -13.92
CA LEU A 178 -9.31 16.81 -14.26
C LEU A 178 -10.47 17.40 -15.00
N ARG A 179 -11.12 18.43 -14.48
CA ARG A 179 -12.23 19.08 -15.21
C ARG A 179 -11.82 19.46 -16.65
N GLU A 180 -10.64 20.04 -16.81
CA GLU A 180 -10.23 20.42 -18.14
C GLU A 180 -10.06 19.21 -19.07
N GLU A 181 -9.57 18.09 -18.56
CA GLU A 181 -9.43 16.91 -19.41
C GLU A 181 -10.79 16.44 -19.81
N LEU A 182 -11.76 16.56 -18.92
CA LEU A 182 -13.08 16.00 -19.27
C LEU A 182 -13.68 16.93 -20.30
N TYR A 183 -13.43 18.23 -20.14
CA TYR A 183 -14.11 19.16 -21.07
C TYR A 183 -13.49 18.94 -22.44
N ALA A 184 -12.17 18.68 -22.48
CA ALA A 184 -11.51 18.50 -23.78
C ALA A 184 -12.02 17.19 -24.42
N MET A 185 -12.25 16.19 -23.59
CA MET A 185 -12.83 14.95 -24.06
C MET A 185 -14.22 15.15 -24.62
N LEU A 186 -15.03 15.94 -23.94
CA LEU A 186 -16.37 16.16 -24.48
C LEU A 186 -16.28 16.82 -25.88
N ARG A 187 -15.38 17.82 -26.00
CA ARG A 187 -15.21 18.51 -27.29
C ARG A 187 -14.79 17.58 -28.38
N PHE A 188 -13.98 16.59 -28.04
CA PHE A 188 -13.54 15.61 -29.01
C PHE A 188 -14.76 14.97 -29.71
N TRP A 189 -15.76 14.57 -28.93
CA TRP A 189 -16.93 13.96 -29.51
C TRP A 189 -17.88 14.96 -30.19
N LEU A 190 -18.05 16.12 -29.59
CA LEU A 190 -18.98 17.12 -30.15
C LEU A 190 -18.43 17.67 -31.49
N ASP A 191 -17.11 17.65 -31.63
CA ASP A 191 -16.45 18.14 -32.86
C ASP A 191 -16.73 17.17 -34.00
N LYS A 192 -17.13 15.93 -33.66
CA LYS A 192 -17.47 14.94 -34.68
C LYS A 192 -18.91 15.05 -35.15
N GLY A 193 -19.72 15.85 -34.46
CA GLY A 193 -21.07 16.15 -34.89
C GLY A 193 -22.19 15.51 -34.07
N VAL A 194 -21.82 14.96 -32.92
CA VAL A 194 -22.80 14.34 -32.00
C VAL A 194 -23.84 15.39 -31.57
N SER A 195 -25.13 15.04 -31.60
CA SER A 195 -26.21 16.00 -31.41
C SER A 195 -26.72 16.10 -29.98
N GLY A 196 -26.30 15.14 -29.16
CA GLY A 196 -26.77 15.16 -27.80
C GLY A 196 -25.88 14.34 -26.88
N MET A 197 -25.98 14.62 -25.60
CA MET A 197 -25.20 13.86 -24.65
C MET A 197 -26.03 13.61 -23.42
N ARG A 198 -26.07 12.35 -22.96
CA ARG A 198 -26.78 12.04 -21.74
C ARG A 198 -25.73 11.81 -20.68
N PHE A 199 -25.84 12.54 -19.55
CA PHE A 199 -24.83 12.47 -18.51
C PHE A 199 -25.24 11.50 -17.40
N ALA A 200 -24.54 10.36 -17.33
CA ALA A 200 -24.90 9.28 -16.42
C ALA A 200 -24.60 9.71 -15.01
N THR A 201 -25.53 9.41 -14.09
CA THR A 201 -25.46 9.82 -12.68
C THR A 201 -24.87 11.22 -12.50
N VAL A 202 -25.53 12.21 -13.09
CA VAL A 202 -24.91 13.51 -13.25
C VAL A 202 -24.88 14.20 -11.89
N ALA A 203 -25.76 13.80 -10.99
CA ALA A 203 -25.87 14.52 -9.74
C ALA A 203 -24.89 14.07 -8.67
N THR A 204 -24.03 13.10 -8.99
CA THR A 204 -23.04 12.66 -8.01
C THR A 204 -21.63 13.22 -8.17
N TYR A 205 -21.45 14.16 -9.09
CA TYR A 205 -20.10 14.57 -9.44
C TYR A 205 -19.41 15.28 -8.30
N SER A 206 -20.17 15.95 -7.45
CA SER A 206 -19.53 16.70 -6.38
C SER A 206 -19.55 15.90 -5.11
N LYS A 207 -18.37 15.76 -4.51
CA LYS A 207 -18.23 15.11 -3.25
C LYS A 207 -18.06 16.14 -2.15
N THR A 208 -18.53 15.75 -0.97
CA THR A 208 -18.46 16.62 0.21
C THR A 208 -17.06 16.62 0.78
N PRO A 209 -16.51 17.84 0.90
CA PRO A 209 -15.20 18.10 1.49
C PRO A 209 -15.09 17.40 2.84
N GLY A 210 -13.98 16.72 3.06
CA GLY A 210 -13.75 16.10 4.34
C GLY A 210 -14.38 14.74 4.54
N PHE A 211 -15.30 14.35 3.66
CA PHE A 211 -15.88 12.99 3.71
C PHE A 211 -16.39 12.55 5.12
N PRO A 212 -17.22 13.39 5.76
CA PRO A 212 -17.75 12.96 7.06
C PRO A 212 -18.68 11.75 6.90
N ASP A 213 -18.85 10.96 7.97
CA ASP A 213 -19.80 9.83 7.90
C ASP A 213 -21.19 10.29 7.53
N LEU A 214 -21.90 9.41 6.84
CA LEU A 214 -23.34 9.56 6.64
C LEU A 214 -24.00 9.37 8.01
N THR A 215 -25.04 10.14 8.32
CA THR A 215 -25.92 9.83 9.46
C THR A 215 -26.68 8.53 9.20
N PRO A 216 -27.21 7.87 10.25
CA PRO A 216 -28.00 6.67 9.93
C PRO A 216 -29.19 6.96 9.00
N GLU A 217 -29.81 8.15 9.07
CA GLU A 217 -30.84 8.52 8.10
C GLU A 217 -30.25 8.53 6.69
N GLN A 218 -29.13 9.24 6.55
CA GLN A 218 -28.49 9.33 5.24
C GLN A 218 -28.06 7.94 4.78
N MET A 219 -27.64 7.11 5.75
CA MET A 219 -27.22 5.74 5.44
C MET A 219 -28.34 4.96 4.81
N LYS A 220 -29.55 5.18 5.28
CA LYS A 220 -30.64 4.43 4.71
C LYS A 220 -30.99 4.96 3.30
N ASN A 221 -30.55 6.17 2.95
CA ASN A 221 -30.80 6.58 1.56
C ASN A 221 -29.57 7.24 1.07
N PHE A 222 -28.52 6.44 0.97
CA PHE A 222 -27.23 7.01 0.61
C PHE A 222 -27.26 7.54 -0.84
N ALA A 223 -28.08 6.96 -1.71
CA ALA A 223 -28.10 7.47 -3.11
C ALA A 223 -28.47 8.96 -3.12
N GLU A 224 -29.40 9.35 -2.25
CA GLU A 224 -29.74 10.78 -2.10
C GLU A 224 -28.61 11.61 -1.51
N ALA A 225 -27.93 11.10 -0.48
CA ALA A 225 -26.82 11.82 0.13
C ALA A 225 -25.72 12.12 -0.87
N TYR A 226 -25.50 11.18 -1.80
CA TYR A 226 -24.42 11.33 -2.75
C TYR A 226 -24.77 12.39 -3.80
N THR A 227 -26.04 12.81 -3.87
CA THR A 227 -26.36 13.94 -4.76
C THR A 227 -26.21 15.35 -4.17
N GLN A 228 -25.75 15.44 -2.92
CA GLN A 228 -25.75 16.70 -2.18
C GLN A 228 -24.40 17.40 -2.10
N GLY A 229 -23.49 17.11 -3.04
CA GLY A 229 -22.16 17.73 -2.99
C GLY A 229 -22.27 19.23 -3.18
N PRO A 230 -21.51 20.02 -2.41
CA PRO A 230 -21.67 21.50 -2.38
C PRO A 230 -21.26 22.23 -3.66
N ASN A 231 -20.62 21.56 -4.60
CA ASN A 231 -20.07 22.25 -5.77
C ASN A 231 -20.73 21.77 -7.07
N LEU A 232 -21.76 20.95 -6.93
CA LEU A 232 -22.35 20.26 -8.07
C LEU A 232 -22.76 21.23 -9.16
N HIS A 233 -23.53 22.25 -8.82
CA HIS A 233 -24.07 23.12 -9.86
C HIS A 233 -23.00 24.06 -10.35
N ARG A 234 -22.04 24.33 -9.48
CA ARG A 234 -20.86 25.07 -9.91
C ARG A 234 -20.14 24.28 -11.07
N TYR A 235 -20.03 22.96 -10.90
CA TYR A 235 -19.34 22.20 -11.94
C TYR A 235 -20.20 22.11 -13.19
N LEU A 236 -21.51 21.88 -13.04
CA LEU A 236 -22.32 21.76 -14.25
C LEU A 236 -22.33 23.08 -15.03
N GLN A 237 -22.32 24.20 -14.32
CA GLN A 237 -22.33 25.49 -15.01
C GLN A 237 -21.01 25.72 -15.71
N GLU A 238 -19.93 25.29 -15.08
CA GLU A 238 -18.62 25.44 -15.70
C GLU A 238 -18.55 24.59 -16.98
N MET A 239 -19.11 23.37 -16.94
CA MET A 239 -19.03 22.50 -18.11
C MET A 239 -19.80 23.14 -19.27
N HIS A 240 -20.91 23.75 -18.94
CA HIS A 240 -21.70 24.43 -19.93
C HIS A 240 -20.93 25.59 -20.47
N GLU A 241 -20.39 26.42 -19.58
CA GLU A 241 -19.60 27.54 -20.06
C GLU A 241 -18.43 27.10 -20.99
N LYS A 242 -17.72 26.04 -20.61
CA LYS A 242 -16.51 25.66 -21.29
C LYS A 242 -16.77 24.75 -22.45
N VAL A 243 -17.92 24.10 -22.49
CA VAL A 243 -18.22 23.15 -23.58
C VAL A 243 -19.55 23.48 -24.32
N PHE A 244 -20.69 23.29 -23.67
CA PHE A 244 -21.95 23.30 -24.37
C PHE A 244 -22.39 24.65 -24.95
N ASP A 245 -21.87 25.73 -24.37
CA ASP A 245 -22.12 27.06 -24.89
C ASP A 245 -21.54 27.22 -26.31
N HIS A 246 -20.62 26.34 -26.69
CA HIS A 246 -19.89 26.46 -27.95
C HIS A 246 -20.45 25.60 -29.05
N TYR A 247 -21.46 24.78 -28.71
CA TYR A 247 -22.09 23.88 -29.68
C TYR A 247 -23.60 24.00 -29.59
N ASP A 248 -24.29 23.17 -30.35
CA ASP A 248 -25.76 23.17 -30.41
C ASP A 248 -26.27 21.77 -30.14
N ALA A 249 -25.59 21.07 -29.26
CA ALA A 249 -25.99 19.70 -28.90
C ALA A 249 -26.92 19.82 -27.73
N VAL A 250 -27.87 18.90 -27.63
CA VAL A 250 -28.78 18.89 -26.49
C VAL A 250 -28.16 18.12 -25.34
N THR A 251 -28.33 18.56 -24.09
CA THR A 251 -27.82 17.76 -22.98
C THR A 251 -28.96 17.25 -22.12
N ALA A 252 -28.82 16.02 -21.62
CA ALA A 252 -29.82 15.40 -20.76
C ALA A 252 -29.07 14.83 -19.53
N GLY A 253 -29.56 15.11 -18.33
CA GLY A 253 -28.91 14.56 -17.12
C GLY A 253 -29.70 13.42 -16.53
N GLU A 254 -28.99 12.33 -16.18
CA GLU A 254 -29.61 11.22 -15.47
C GLU A 254 -29.45 11.62 -14.04
N ILE A 255 -30.52 12.20 -13.49
CA ILE A 255 -30.53 12.76 -12.15
C ILE A 255 -30.95 11.67 -11.15
N PHE A 256 -30.09 10.68 -10.97
N PHE A 256 -30.09 10.69 -10.96
CA PHE A 256 -30.45 9.58 -10.10
CA PHE A 256 -30.44 9.58 -10.09
C PHE A 256 -30.19 9.95 -8.66
C PHE A 256 -30.17 9.93 -8.64
N GLY A 257 -31.18 9.74 -7.80
CA GLY A 257 -31.00 9.91 -6.37
C GLY A 257 -31.45 11.25 -5.83
N ALA A 258 -31.52 12.25 -6.68
CA ALA A 258 -31.75 13.60 -6.19
C ALA A 258 -33.21 13.79 -5.84
N PRO A 259 -33.49 14.62 -4.82
CA PRO A 259 -34.90 14.85 -4.48
C PRO A 259 -35.46 15.59 -5.65
N LEU A 260 -36.72 15.35 -5.97
CA LEU A 260 -37.33 16.05 -7.09
C LEU A 260 -37.31 17.59 -7.06
N ASN A 261 -37.45 18.17 -5.87
CA ASN A 261 -37.42 19.63 -5.75
C ASN A 261 -36.11 20.32 -6.17
N GLN A 262 -35.05 19.54 -6.36
CA GLN A 262 -33.75 20.05 -6.79
C GLN A 262 -33.60 19.97 -8.30
N VAL A 263 -34.47 19.20 -8.94
CA VAL A 263 -34.35 19.02 -10.35
C VAL A 263 -34.32 20.33 -11.16
N PRO A 264 -35.09 21.36 -10.73
CA PRO A 264 -35.06 22.61 -11.50
C PRO A 264 -33.69 23.21 -11.56
N LEU A 265 -32.83 22.91 -10.60
CA LEU A 265 -31.53 23.56 -10.60
C LEU A 265 -30.73 23.01 -11.78
N PHE A 266 -31.07 21.79 -12.18
CA PHE A 266 -30.35 21.17 -13.31
C PHE A 266 -30.89 21.59 -14.67
N ILE A 267 -32.19 21.90 -14.79
CA ILE A 267 -32.75 21.99 -16.14
C ILE A 267 -33.34 23.36 -16.49
N ASP A 268 -33.44 24.25 -15.51
CA ASP A 268 -33.88 25.62 -15.80
C ASP A 268 -32.94 26.24 -16.81
N SER A 269 -33.44 26.59 -18.00
CA SER A 269 -32.53 27.04 -19.06
C SER A 269 -31.73 28.25 -18.66
N ARG A 270 -32.25 29.04 -17.71
CA ARG A 270 -31.59 30.31 -17.38
C ARG A 270 -30.36 30.07 -16.60
N ARG A 271 -30.29 28.88 -16.01
CA ARG A 271 -29.13 28.49 -15.19
C ARG A 271 -27.97 28.00 -16.06
N LYS A 272 -28.18 27.85 -17.36
CA LYS A 272 -27.14 27.30 -18.22
C LYS A 272 -26.45 26.05 -17.64
N GLU A 273 -27.27 25.06 -17.32
CA GLU A 273 -26.76 23.74 -16.96
C GLU A 273 -27.16 22.71 -18.02
N LEU A 274 -28.22 21.94 -17.80
CA LEU A 274 -28.63 20.87 -18.74
C LEU A 274 -29.96 21.24 -19.37
N ASP A 275 -30.30 20.60 -20.49
CA ASP A 275 -31.50 20.97 -21.23
C ASP A 275 -32.70 20.20 -20.71
N MET A 276 -32.47 18.97 -20.29
CA MET A 276 -33.62 18.16 -19.87
C MET A 276 -33.22 17.07 -18.89
N ALA A 277 -34.19 16.58 -18.13
CA ALA A 277 -33.95 15.74 -16.98
C ALA A 277 -34.44 14.34 -17.29
N PHE A 278 -33.62 13.33 -17.02
CA PHE A 278 -34.14 11.99 -16.74
C PHE A 278 -34.27 11.89 -15.21
N THR A 279 -35.50 11.66 -14.72
CA THR A 279 -35.72 11.46 -13.28
C THR A 279 -36.18 10.05 -13.07
N PHE A 280 -36.12 9.60 -11.84
CA PHE A 280 -36.43 8.19 -11.57
C PHE A 280 -37.59 8.00 -10.66
N ASP A 281 -38.26 9.09 -10.33
CA ASP A 281 -39.35 8.99 -9.37
C ASP A 281 -40.41 8.06 -9.92
N LEU A 282 -40.70 8.18 -11.21
CA LEU A 282 -41.75 7.33 -11.76
C LEU A 282 -41.24 5.89 -11.96
N ILE A 283 -40.11 5.73 -12.62
CA ILE A 283 -39.73 4.38 -13.02
C ILE A 283 -39.35 3.59 -11.77
N ARG A 284 -39.00 4.27 -10.68
CA ARG A 284 -38.73 3.54 -9.44
C ARG A 284 -39.84 3.76 -8.41
N TYR A 285 -41.06 4.07 -8.86
CA TYR A 285 -42.10 4.47 -7.92
C TYR A 285 -42.54 3.28 -7.09
N ASP A 286 -42.26 2.08 -7.59
CA ASP A 286 -42.62 0.90 -6.80
C ASP A 286 -41.41 0.08 -6.40
N ARG A 287 -40.27 0.72 -6.27
CA ARG A 287 -39.07 0.02 -5.83
C ARG A 287 -38.75 0.36 -4.38
N ALA A 288 -38.41 -0.65 -3.56
CA ALA A 288 -38.03 -0.39 -2.18
C ALA A 288 -36.66 0.31 -2.15
N LEU A 289 -36.28 0.89 -1.02
CA LEU A 289 -34.97 1.52 -0.87
C LEU A 289 -33.78 0.63 -1.20
N ASP A 290 -33.90 -0.69 -1.00
CA ASP A 290 -32.78 -1.57 -1.24
C ASP A 290 -32.56 -1.81 -2.71
N ARG A 291 -33.47 -1.28 -3.52
CA ARG A 291 -33.38 -1.43 -4.96
C ARG A 291 -33.65 -2.76 -5.57
N TRP A 292 -34.01 -3.74 -4.75
CA TRP A 292 -34.32 -5.05 -5.29
C TRP A 292 -35.71 -5.60 -4.90
N HIS A 293 -36.30 -5.14 -3.81
CA HIS A 293 -37.69 -5.53 -3.52
C HIS A 293 -38.62 -4.57 -4.24
N THR A 294 -39.83 -5.04 -4.49
CA THR A 294 -40.88 -4.22 -5.11
C THR A 294 -41.95 -3.90 -4.07
N ILE A 295 -42.61 -2.75 -4.20
CA ILE A 295 -43.70 -2.42 -3.27
C ILE A 295 -45.00 -2.19 -4.05
N PRO A 296 -46.11 -2.82 -3.64
CA PRO A 296 -47.30 -2.59 -4.46
C PRO A 296 -47.69 -1.12 -4.58
N ARG A 297 -48.08 -0.69 -5.78
CA ARG A 297 -48.53 0.68 -6.00
C ARG A 297 -49.76 0.64 -6.89
N THR A 298 -50.47 1.77 -6.97
CA THR A 298 -51.63 1.82 -7.84
C THR A 298 -51.46 2.97 -8.82
N LEU A 299 -52.41 3.06 -9.73
CA LEU A 299 -52.43 4.13 -10.72
C LEU A 299 -52.43 5.51 -10.10
N ALA A 300 -53.03 5.65 -8.90
CA ALA A 300 -53.05 6.97 -8.26
C ALA A 300 -51.61 7.39 -7.89
N ASP A 301 -50.82 6.43 -7.44
CA ASP A 301 -49.41 6.74 -7.14
C ASP A 301 -48.65 7.06 -8.40
N PHE A 302 -48.89 6.29 -9.47
CA PHE A 302 -48.32 6.51 -10.82
C PHE A 302 -48.64 7.93 -11.33
N ARG A 303 -49.92 8.25 -11.46
CA ARG A 303 -50.31 9.57 -11.98
C ARG A 303 -49.87 10.73 -11.06
N GLN A 304 -49.91 10.52 -9.75
CA GLN A 304 -49.48 11.59 -8.84
C GLN A 304 -47.97 11.88 -8.92
N THR A 305 -47.18 10.84 -9.20
CA THR A 305 -45.75 11.04 -9.40
C THR A 305 -45.52 11.81 -10.70
N ILE A 306 -46.26 11.45 -11.74
CA ILE A 306 -46.10 12.17 -12.98
C ILE A 306 -46.45 13.61 -12.77
N ASP A 307 -47.52 13.88 -12.06
CA ASP A 307 -47.94 15.27 -11.84
C ASP A 307 -46.85 16.03 -11.11
N LYS A 308 -46.17 15.38 -10.17
CA LYS A 308 -45.11 16.07 -9.44
C LYS A 308 -43.89 16.33 -10.34
N VAL A 309 -43.57 15.36 -11.18
CA VAL A 309 -42.42 15.50 -12.08
C VAL A 309 -42.80 16.56 -13.10
N ASP A 310 -44.05 16.62 -13.52
CA ASP A 310 -44.40 17.67 -14.48
C ASP A 310 -44.24 19.04 -13.90
N ALA A 311 -44.60 19.16 -12.62
CA ALA A 311 -44.50 20.43 -11.88
C ALA A 311 -43.10 21.03 -11.84
N ILE A 312 -42.06 20.20 -11.79
CA ILE A 312 -40.75 20.80 -11.72
C ILE A 312 -40.13 21.25 -13.05
N ALA A 313 -40.84 21.09 -14.15
CA ALA A 313 -40.42 21.65 -15.44
C ALA A 313 -41.24 22.87 -15.68
N GLY A 314 -40.73 24.00 -15.25
CA GLY A 314 -41.52 25.23 -15.28
C GLY A 314 -41.54 25.84 -16.65
N GLU A 315 -41.62 27.16 -16.71
CA GLU A 315 -41.57 27.81 -18.00
C GLU A 315 -40.23 27.50 -18.65
N TYR A 316 -39.18 27.39 -17.85
CA TYR A 316 -37.87 27.30 -18.42
C TYR A 316 -37.19 25.94 -18.34
N GLY A 317 -37.88 24.93 -17.81
CA GLY A 317 -37.25 23.62 -17.64
C GLY A 317 -37.92 22.62 -18.59
N TRP A 318 -37.39 21.42 -18.67
CA TRP A 318 -37.98 20.42 -19.58
C TRP A 318 -37.60 19.03 -19.12
N ASN A 319 -38.55 18.11 -19.29
CA ASN A 319 -38.39 16.72 -18.86
C ASN A 319 -38.28 15.78 -20.05
N THR A 320 -37.65 14.64 -19.82
CA THR A 320 -37.85 13.49 -20.70
C THR A 320 -38.97 12.73 -20.07
N PHE A 321 -39.52 11.77 -20.82
CA PHE A 321 -40.43 10.82 -20.25
C PHE A 321 -40.09 9.43 -20.75
N PHE A 322 -40.07 8.46 -19.85
CA PHE A 322 -39.72 7.11 -20.29
C PHE A 322 -40.36 6.09 -19.35
N LEU A 323 -40.71 4.92 -19.87
CA LEU A 323 -41.20 3.84 -19.01
C LEU A 323 -40.21 2.67 -18.94
N GLY A 324 -39.16 2.71 -19.75
CA GLY A 324 -38.12 1.73 -19.57
C GLY A 324 -36.76 2.19 -20.02
N ASN A 325 -35.73 1.48 -19.57
CA ASN A 325 -34.38 1.75 -20.00
C ASN A 325 -33.56 0.53 -19.66
N HIS A 326 -32.26 0.60 -19.83
CA HIS A 326 -31.48 -0.63 -19.76
C HIS A 326 -31.23 -1.03 -18.30
N ASP A 327 -31.69 -0.21 -17.35
CA ASP A 327 -31.47 -0.46 -15.93
C ASP A 327 -32.72 -0.92 -15.20
N ASN A 328 -33.78 -1.26 -15.92
CA ASN A 328 -35.09 -1.48 -15.31
C ASN A 328 -35.88 -2.58 -15.95
N PRO A 329 -36.89 -3.11 -15.25
CA PRO A 329 -37.68 -4.13 -15.93
C PRO A 329 -38.42 -3.65 -17.17
N ARG A 330 -38.91 -4.55 -18.01
CA ARG A 330 -39.61 -4.14 -19.22
C ARG A 330 -40.90 -3.38 -18.90
N ALA A 331 -41.16 -2.30 -19.64
CA ALA A 331 -42.33 -1.46 -19.43
C ALA A 331 -43.64 -2.25 -19.32
N VAL A 332 -43.93 -3.13 -20.27
CA VAL A 332 -45.22 -3.86 -20.23
C VAL A 332 -45.26 -4.81 -19.02
N SER A 333 -44.14 -5.43 -18.66
CA SER A 333 -44.13 -6.25 -17.45
C SER A 333 -44.34 -5.41 -16.19
N HIS A 334 -43.68 -4.26 -16.17
CA HIS A 334 -43.60 -3.42 -14.98
C HIS A 334 -44.87 -2.61 -14.74
N PHE A 335 -45.36 -1.94 -15.79
CA PHE A 335 -46.51 -1.07 -15.67
C PHE A 335 -47.76 -1.63 -16.34
N GLY A 336 -47.61 -2.66 -17.16
CA GLY A 336 -48.79 -3.16 -17.88
C GLY A 336 -49.17 -4.50 -17.33
N ASP A 337 -49.75 -5.34 -18.18
CA ASP A 337 -50.04 -6.74 -17.82
C ASP A 337 -49.43 -7.69 -18.88
N ASP A 338 -48.34 -8.41 -18.52
CA ASP A 338 -47.58 -9.11 -19.55
C ASP A 338 -48.09 -10.54 -19.87
N ARG A 339 -49.17 -10.96 -19.21
CA ARG A 339 -49.85 -12.23 -19.57
C ARG A 339 -50.29 -12.23 -21.03
N PRO A 340 -50.24 -13.40 -21.70
CA PRO A 340 -50.53 -13.48 -23.13
C PRO A 340 -51.86 -12.81 -23.50
N GLN A 341 -52.85 -12.78 -22.62
CA GLN A 341 -54.12 -12.17 -23.05
C GLN A 341 -54.22 -10.65 -22.92
N TRP A 342 -53.24 -10.06 -22.24
CA TRP A 342 -53.34 -8.65 -21.96
C TRP A 342 -52.10 -7.87 -22.42
N ARG A 343 -51.06 -8.59 -22.82
N ARG A 343 -51.06 -8.59 -22.82
CA ARG A 343 -49.77 -7.98 -23.16
CA ARG A 343 -49.77 -7.99 -23.15
C ARG A 343 -49.91 -6.95 -24.26
C ARG A 343 -49.92 -6.95 -24.25
N GLU A 344 -50.61 -7.33 -25.32
CA GLU A 344 -50.69 -6.45 -26.48
C GLU A 344 -51.55 -5.25 -26.13
N ALA A 345 -52.72 -5.48 -25.54
CA ALA A 345 -53.60 -4.38 -25.12
C ALA A 345 -52.94 -3.40 -24.14
N SER A 346 -52.28 -3.92 -23.12
CA SER A 346 -51.64 -3.04 -22.16
C SER A 346 -50.39 -2.40 -22.74
N ALA A 347 -49.63 -3.10 -23.58
CA ALA A 347 -48.49 -2.40 -24.20
C ALA A 347 -48.93 -1.24 -25.07
N LYS A 348 -50.06 -1.38 -25.77
CA LYS A 348 -50.60 -0.27 -26.55
C LYS A 348 -51.02 0.86 -25.63
N ALA A 349 -51.65 0.53 -24.50
CA ALA A 349 -52.07 1.54 -23.55
C ALA A 349 -50.86 2.33 -23.07
N LEU A 350 -49.81 1.65 -22.66
CA LEU A 350 -48.65 2.37 -22.16
C LEU A 350 -48.00 3.20 -23.27
N ALA A 351 -48.11 2.75 -24.52
CA ALA A 351 -47.56 3.55 -25.62
C ALA A 351 -48.33 4.83 -25.73
N THR A 352 -49.66 4.74 -25.70
CA THR A 352 -50.45 5.94 -25.68
C THR A 352 -50.01 6.90 -24.57
N VAL A 353 -49.76 6.39 -23.36
CA VAL A 353 -49.29 7.28 -22.30
C VAL A 353 -47.97 7.92 -22.69
N THR A 354 -47.01 7.08 -23.10
CA THR A 354 -45.65 7.56 -23.35
C THR A 354 -45.66 8.71 -24.35
N LEU A 355 -46.39 8.48 -25.45
CA LEU A 355 -46.36 9.41 -26.56
C LEU A 355 -47.27 10.62 -26.41
N THR A 356 -47.93 10.75 -25.26
CA THR A 356 -48.73 11.94 -25.05
C THR A 356 -48.37 12.65 -23.78
N GLN A 357 -47.18 12.35 -23.26
CA GLN A 357 -46.74 13.02 -22.05
C GLN A 357 -46.09 14.33 -22.40
N ARG A 358 -46.07 15.25 -21.46
CA ARG A 358 -45.36 16.49 -21.69
C ARG A 358 -43.89 16.17 -21.46
N GLY A 359 -43.01 16.51 -22.39
CA GLY A 359 -41.61 16.20 -22.20
C GLY A 359 -41.19 15.52 -23.47
N THR A 360 -39.93 15.07 -23.54
CA THR A 360 -39.42 14.35 -24.70
C THR A 360 -39.42 12.88 -24.41
N PRO A 361 -40.25 12.13 -25.15
CA PRO A 361 -40.39 10.69 -24.83
C PRO A 361 -39.24 9.89 -25.40
N PHE A 362 -38.77 8.91 -24.61
CA PHE A 362 -37.74 7.99 -25.04
C PHE A 362 -38.37 6.60 -25.00
N ILE A 363 -38.24 5.90 -26.12
CA ILE A 363 -38.77 4.56 -26.26
C ILE A 363 -37.57 3.67 -26.16
N PHE A 364 -37.65 2.69 -25.25
CA PHE A 364 -36.55 1.75 -25.12
C PHE A 364 -36.67 0.58 -26.10
N GLN A 365 -35.54 0.19 -26.69
CA GLN A 365 -35.51 -0.85 -27.72
C GLN A 365 -36.30 -2.09 -27.40
N GLY A 366 -37.28 -2.40 -28.24
CA GLY A 366 -38.07 -3.62 -28.02
C GLY A 366 -39.44 -3.36 -27.39
N ASP A 367 -39.57 -2.23 -26.72
CA ASP A 367 -40.84 -1.85 -26.12
C ASP A 367 -41.87 -1.62 -27.20
N GLU A 368 -41.43 -1.21 -28.39
CA GLU A 368 -42.37 -1.00 -29.50
C GLU A 368 -42.91 -2.33 -30.05
N LEU A 369 -42.31 -3.45 -29.64
CA LEU A 369 -42.89 -4.75 -29.98
C LEU A 369 -43.73 -5.35 -28.87
N GLY A 370 -43.69 -4.75 -27.68
CA GLY A 370 -44.30 -5.39 -26.52
C GLY A 370 -43.38 -6.48 -25.95
N MET A 371 -42.07 -6.29 -26.01
CA MET A 371 -41.21 -7.23 -25.33
C MET A 371 -41.42 -7.21 -23.84
N THR A 372 -41.19 -8.35 -23.20
CA THR A 372 -41.47 -8.56 -21.78
C THR A 372 -40.26 -8.92 -20.92
N ASN A 373 -40.49 -8.98 -19.62
CA ASN A 373 -39.45 -9.54 -18.73
C ASN A 373 -39.10 -10.95 -19.12
N TYR A 374 -37.91 -11.39 -18.74
CA TYR A 374 -37.36 -12.68 -19.09
C TYR A 374 -37.70 -13.70 -17.99
N PRO A 375 -38.05 -14.95 -18.37
CA PRO A 375 -38.30 -16.03 -17.38
C PRO A 375 -36.99 -16.60 -16.81
N PHE A 376 -36.39 -15.94 -15.82
CA PHE A 376 -35.10 -16.40 -15.32
C PHE A 376 -35.24 -17.81 -14.79
N LYS A 377 -34.24 -18.65 -15.04
CA LYS A 377 -34.31 -20.05 -14.60
C LYS A 377 -33.04 -20.51 -13.92
N THR A 378 -31.96 -19.77 -14.10
CA THR A 378 -30.68 -20.19 -13.54
C THR A 378 -30.00 -18.96 -12.97
N LEU A 379 -29.02 -19.17 -12.10
CA LEU A 379 -28.28 -18.07 -11.47
C LEU A 379 -27.58 -17.29 -12.56
N GLN A 380 -27.11 -18.03 -13.55
CA GLN A 380 -26.34 -17.45 -14.64
CA GLN A 380 -26.34 -17.44 -14.65
C GLN A 380 -27.19 -16.42 -15.44
N ASP A 381 -28.50 -16.67 -15.47
CA ASP A 381 -29.44 -15.80 -16.17
C ASP A 381 -29.42 -14.38 -15.62
N PHE A 382 -29.06 -14.24 -14.34
CA PHE A 382 -29.10 -12.94 -13.64
C PHE A 382 -27.78 -12.20 -13.68
N ASP A 383 -26.83 -12.70 -14.48
CA ASP A 383 -25.46 -12.24 -14.31
C ASP A 383 -25.31 -10.77 -14.61
N ASP A 384 -24.82 -10.02 -13.64
CA ASP A 384 -24.80 -8.57 -13.69
C ASP A 384 -24.09 -8.09 -12.45
N ILE A 385 -23.19 -7.12 -12.62
CA ILE A 385 -22.45 -6.59 -11.50
C ILE A 385 -23.37 -6.13 -10.32
N GLU A 386 -24.55 -5.54 -10.58
CA GLU A 386 -25.36 -5.04 -9.48
C GLU A 386 -25.88 -6.19 -8.59
N VAL A 387 -26.30 -7.27 -9.25
CA VAL A 387 -26.77 -8.48 -8.55
C VAL A 387 -25.64 -9.15 -7.79
N LYS A 388 -24.44 -9.16 -8.38
CA LYS A 388 -23.26 -9.67 -7.67
C LYS A 388 -23.09 -8.92 -6.33
N GLY A 389 -23.28 -7.60 -6.39
CA GLY A 389 -23.30 -6.75 -5.21
C GLY A 389 -24.42 -7.08 -4.24
N PHE A 390 -25.65 -7.36 -4.72
CA PHE A 390 -26.72 -7.76 -3.79
C PHE A 390 -26.35 -9.10 -3.11
N PHE A 391 -25.77 -10.03 -3.87
CA PHE A 391 -25.25 -11.22 -3.19
C PHE A 391 -24.28 -10.87 -2.06
N GLN A 392 -23.33 -10.00 -2.34
CA GLN A 392 -22.37 -9.59 -1.32
C GLN A 392 -23.06 -8.93 -0.10
N ASP A 393 -24.01 -8.05 -0.37
CA ASP A 393 -24.60 -7.25 0.71
C ASP A 393 -25.71 -7.96 1.48
N TYR A 394 -26.40 -8.89 0.82
CA TYR A 394 -27.63 -9.45 1.38
C TYR A 394 -27.53 -10.97 1.58
N VAL A 395 -26.86 -11.67 0.69
CA VAL A 395 -26.84 -13.12 0.86
C VAL A 395 -25.62 -13.56 1.70
N GLU A 396 -24.44 -13.01 1.42
CA GLU A 396 -23.25 -13.39 2.20
C GLU A 396 -23.37 -12.96 3.66
N THR A 397 -24.09 -11.86 3.90
CA THR A 397 -24.27 -11.29 5.24
C THR A 397 -25.38 -12.00 5.96
N GLY A 398 -26.02 -12.89 5.24
CA GLY A 398 -27.11 -13.67 5.82
C GLY A 398 -28.44 -12.94 5.91
N LYS A 399 -28.57 -11.76 5.29
CA LYS A 399 -29.84 -11.04 5.35
C LYS A 399 -30.95 -11.71 4.53
N ALA A 400 -30.58 -12.42 3.47
CA ALA A 400 -31.54 -13.08 2.61
C ALA A 400 -30.91 -14.33 2.10
N THR A 401 -31.75 -15.29 1.66
CA THR A 401 -31.22 -16.48 1.02
C THR A 401 -31.09 -16.15 -0.44
N ALA A 402 -30.38 -17.01 -1.15
CA ALA A 402 -30.18 -16.79 -2.57
C ALA A 402 -31.54 -16.82 -3.21
N GLU A 403 -32.40 -17.72 -2.74
CA GLU A 403 -33.73 -17.85 -3.35
C GLU A 403 -34.61 -16.60 -3.24
N GLU A 404 -34.61 -16.00 -2.05
CA GLU A 404 -35.35 -14.78 -1.80
C GLU A 404 -34.81 -13.67 -2.71
N LEU A 405 -33.50 -13.64 -2.82
CA LEU A 405 -32.91 -12.58 -3.64
C LEU A 405 -33.29 -12.77 -5.10
N LEU A 406 -33.14 -13.98 -5.62
CA LEU A 406 -33.47 -14.19 -7.04
C LEU A 406 -34.96 -14.11 -7.38
N THR A 407 -35.84 -14.57 -6.50
CA THR A 407 -37.29 -14.41 -6.75
C THR A 407 -37.69 -12.97 -6.96
N ASN A 408 -37.08 -12.10 -6.15
CA ASN A 408 -37.34 -10.68 -6.20
C ASN A 408 -36.62 -10.02 -7.35
N VAL A 409 -35.37 -10.38 -7.57
CA VAL A 409 -34.64 -9.76 -8.65
C VAL A 409 -35.18 -10.23 -10.01
N ALA A 410 -35.91 -11.35 -10.06
CA ALA A 410 -36.60 -11.71 -11.30
C ALA A 410 -37.44 -10.54 -11.80
N LEU A 411 -38.02 -9.78 -10.88
CA LEU A 411 -38.97 -8.74 -11.30
C LEU A 411 -38.26 -7.44 -11.62
N THR A 412 -37.07 -7.26 -11.05
CA THR A 412 -36.37 -5.95 -11.12
C THR A 412 -35.06 -5.96 -11.91
N SER A 413 -34.59 -7.17 -12.23
CA SER A 413 -33.30 -7.35 -12.89
C SER A 413 -33.11 -6.52 -14.14
N ARG A 414 -31.95 -5.89 -14.23
CA ARG A 414 -31.57 -5.08 -15.39
C ARG A 414 -31.47 -5.94 -16.63
N ASN A 415 -31.21 -7.22 -16.43
CA ASN A 415 -31.14 -8.16 -17.53
C ASN A 415 -32.47 -8.37 -18.22
N ASN A 416 -33.57 -8.01 -17.56
CA ASN A 416 -34.89 -8.04 -18.24
C ASN A 416 -34.88 -7.15 -19.45
N ALA A 417 -34.14 -6.06 -19.36
CA ALA A 417 -34.10 -5.08 -20.44
C ALA A 417 -33.00 -5.37 -21.46
N ARG A 418 -32.07 -6.30 -21.16
CA ARG A 418 -30.88 -6.47 -21.97
C ARG A 418 -30.90 -7.74 -22.83
N THR A 419 -32.03 -8.47 -22.82
CA THR A 419 -32.11 -9.66 -23.69
C THR A 419 -32.17 -9.18 -25.13
N PRO A 420 -31.57 -9.94 -26.06
CA PRO A 420 -31.44 -9.44 -27.45
C PRO A 420 -32.76 -9.00 -28.01
N PHE A 421 -32.74 -7.93 -28.82
CA PHE A 421 -33.92 -7.46 -29.57
C PHE A 421 -34.42 -8.57 -30.48
N GLN A 422 -35.72 -8.70 -30.57
CA GLN A 422 -36.32 -9.84 -31.26
C GLN A 422 -36.74 -9.43 -32.66
N TRP A 423 -35.86 -9.68 -33.63
CA TRP A 423 -36.08 -9.19 -34.98
C TRP A 423 -37.07 -10.04 -35.79
N ASP A 424 -37.00 -11.35 -35.63
CA ASP A 424 -37.84 -12.27 -36.43
C ASP A 424 -37.88 -13.60 -35.72
N ASP A 425 -38.41 -14.64 -36.35
CA ASP A 425 -38.49 -15.93 -35.66
C ASP A 425 -37.43 -16.95 -36.07
N SER A 426 -36.35 -16.45 -36.66
CA SER A 426 -35.21 -17.30 -36.95
C SER A 426 -34.46 -17.61 -35.64
N ALA A 427 -33.34 -18.33 -35.75
CA ALA A 427 -32.53 -18.74 -34.60
C ALA A 427 -32.15 -17.49 -33.82
N ASN A 428 -32.31 -17.55 -32.51
CA ASN A 428 -32.06 -16.41 -31.62
C ASN A 428 -32.69 -15.09 -32.08
N ALA A 429 -33.91 -15.22 -32.59
CA ALA A 429 -34.75 -14.12 -33.05
C ALA A 429 -34.07 -13.21 -34.06
N GLY A 430 -33.15 -13.75 -34.85
CA GLY A 430 -32.44 -12.96 -35.85
C GLY A 430 -31.39 -11.98 -35.28
N PHE A 431 -31.18 -11.98 -33.97
CA PHE A 431 -30.22 -11.01 -33.41
C PHE A 431 -28.78 -11.40 -33.70
N THR A 432 -28.50 -12.70 -33.68
CA THR A 432 -27.14 -13.18 -33.92
C THR A 432 -27.17 -14.51 -34.67
N THR A 433 -26.05 -14.82 -35.32
CA THR A 433 -25.90 -16.10 -35.98
C THR A 433 -25.14 -17.02 -35.05
N GLY A 434 -24.61 -16.47 -33.95
CA GLY A 434 -23.88 -17.28 -32.99
C GLY A 434 -24.69 -17.46 -31.72
N LYS A 435 -23.98 -17.55 -30.59
CA LYS A 435 -24.58 -17.68 -29.27
C LYS A 435 -24.75 -16.33 -28.60
N PRO A 436 -25.99 -15.90 -28.33
CA PRO A 436 -26.08 -14.53 -27.78
C PRO A 436 -25.52 -14.40 -26.36
N TRP A 437 -25.00 -13.22 -26.06
CA TRP A 437 -24.32 -13.01 -24.80
C TRP A 437 -25.27 -13.18 -23.61
N LEU A 438 -26.55 -12.86 -23.81
CA LEU A 438 -27.63 -13.15 -22.89
C LEU A 438 -28.65 -13.93 -23.73
N LYS A 439 -29.40 -14.88 -23.15
CA LYS A 439 -30.34 -15.65 -23.95
C LYS A 439 -31.51 -14.85 -24.45
N VAL A 440 -32.05 -15.26 -25.58
CA VAL A 440 -33.23 -14.63 -26.12
C VAL A 440 -34.41 -15.11 -25.35
N ASN A 441 -35.35 -14.22 -25.10
CA ASN A 441 -36.60 -14.65 -24.50
C ASN A 441 -37.34 -15.60 -25.46
N PRO A 442 -37.72 -16.80 -24.99
CA PRO A 442 -38.48 -17.82 -25.76
C PRO A 442 -39.72 -17.25 -26.41
N ASN A 443 -40.25 -16.13 -25.93
CA ASN A 443 -41.49 -15.58 -26.53
C ASN A 443 -41.24 -14.88 -27.88
N TYR A 444 -40.00 -14.92 -28.36
CA TYR A 444 -39.65 -14.29 -29.67
C TYR A 444 -40.37 -15.00 -30.84
N THR A 445 -40.82 -16.23 -30.62
CA THR A 445 -41.61 -16.87 -31.65
C THR A 445 -42.89 -16.06 -31.91
N GLU A 446 -43.43 -15.41 -30.86
CA GLU A 446 -44.66 -14.62 -30.96
C GLU A 446 -44.44 -13.12 -31.09
N ILE A 447 -43.37 -12.63 -30.45
CA ILE A 447 -43.13 -11.21 -30.35
C ILE A 447 -41.87 -10.95 -31.13
N ASN A 448 -42.00 -10.39 -32.32
CA ASN A 448 -40.78 -10.13 -33.08
C ASN A 448 -41.06 -9.07 -34.14
N ALA A 449 -40.05 -8.31 -34.59
CA ALA A 449 -40.34 -7.18 -35.45
C ALA A 449 -40.95 -7.62 -36.78
N ALA A 450 -40.42 -8.69 -37.37
CA ALA A 450 -40.88 -9.11 -38.68
C ALA A 450 -42.39 -9.44 -38.65
N ARG A 451 -42.86 -10.04 -37.57
CA ARG A 451 -44.29 -10.35 -37.50
C ARG A 451 -45.10 -9.05 -37.35
N GLU A 452 -44.60 -8.10 -36.56
CA GLU A 452 -45.40 -6.95 -36.25
C GLU A 452 -45.45 -5.87 -37.34
N ILE A 453 -44.39 -5.73 -38.12
CA ILE A 453 -44.32 -4.60 -39.05
C ILE A 453 -45.39 -4.68 -40.13
N GLY A 454 -45.69 -5.91 -40.54
CA GLY A 454 -46.68 -6.11 -41.58
C GLY A 454 -48.13 -6.16 -41.08
N ASP A 455 -48.32 -6.05 -39.76
CA ASP A 455 -49.63 -6.21 -39.14
C ASP A 455 -50.12 -4.89 -38.63
N PRO A 456 -51.15 -4.32 -39.29
CA PRO A 456 -51.86 -3.09 -38.95
C PRO A 456 -52.28 -3.01 -37.48
N LYS A 457 -52.54 -4.17 -36.86
CA LYS A 457 -53.05 -4.23 -35.49
C LYS A 457 -51.96 -4.56 -34.45
N SER A 458 -50.70 -4.55 -34.84
CA SER A 458 -49.65 -4.92 -33.90
C SER A 458 -49.31 -3.74 -32.96
N VAL A 459 -48.53 -4.06 -31.91
CA VAL A 459 -48.02 -3.06 -30.99
C VAL A 459 -47.11 -2.12 -31.77
N TYR A 460 -46.24 -2.67 -32.61
CA TYR A 460 -45.42 -1.86 -33.50
C TYR A 460 -46.25 -0.85 -34.27
N SER A 461 -47.36 -1.27 -34.87
CA SER A 461 -48.06 -0.36 -35.78
C SER A 461 -48.72 0.71 -35.00
N PHE A 462 -49.08 0.38 -33.77
CA PHE A 462 -49.74 1.35 -32.92
C PHE A 462 -48.75 2.42 -32.50
N TYR A 463 -47.55 1.98 -32.14
CA TYR A 463 -46.49 2.90 -31.74
C TYR A 463 -46.21 3.82 -32.88
N ARG A 464 -46.02 3.22 -34.06
CA ARG A 464 -45.79 4.00 -35.27
C ARG A 464 -46.90 5.03 -35.52
N ASN A 465 -48.16 4.65 -35.32
CA ASN A 465 -49.24 5.55 -35.57
C ASN A 465 -49.29 6.64 -34.50
N LEU A 466 -48.94 6.29 -33.26
CA LEU A 466 -48.91 7.30 -32.20
C LEU A 466 -47.80 8.32 -32.43
N ILE A 467 -46.66 7.85 -32.92
CA ILE A 467 -45.53 8.71 -33.17
C ILE A 467 -45.94 9.71 -34.28
N SER A 468 -46.65 9.22 -35.29
CA SER A 468 -47.18 10.10 -36.34
C SER A 468 -48.13 11.17 -35.79
N ILE A 469 -49.12 10.77 -34.98
CA ILE A 469 -50.05 11.71 -34.35
C ILE A 469 -49.33 12.79 -33.51
N ARG A 470 -48.44 12.38 -32.61
CA ARG A 470 -47.66 13.35 -31.81
C ARG A 470 -46.94 14.36 -32.67
N HIS A 471 -46.28 13.89 -33.73
CA HIS A 471 -45.57 14.74 -34.66
C HIS A 471 -46.51 15.76 -35.31
N GLU A 472 -47.75 15.32 -35.59
CA GLU A 472 -48.75 16.11 -36.32
C GLU A 472 -49.38 17.16 -35.42
N THR A 473 -49.23 17.00 -34.11
CA THR A 473 -50.05 17.70 -33.11
C THR A 473 -49.21 18.38 -32.04
N PRO A 474 -48.96 19.70 -32.18
CA PRO A 474 -48.09 20.44 -31.25
C PRO A 474 -48.46 20.30 -29.78
N ALA A 475 -49.73 20.38 -29.44
CA ALA A 475 -50.09 20.29 -28.02
C ALA A 475 -49.58 18.98 -27.42
N LEU A 476 -49.37 17.97 -28.23
CA LEU A 476 -49.04 16.67 -27.65
C LEU A 476 -47.57 16.60 -27.30
N SER A 477 -46.81 17.60 -27.74
CA SER A 477 -45.40 17.64 -27.41
C SER A 477 -45.17 18.77 -26.46
N THR A 478 -45.47 20.00 -26.89
CA THR A 478 -45.16 21.17 -26.07
C THR A 478 -46.35 21.76 -25.30
N GLY A 479 -47.53 21.13 -25.41
CA GLY A 479 -48.72 21.58 -24.70
C GLY A 479 -48.63 21.56 -23.18
N SER A 480 -49.49 22.32 -22.50
CA SER A 480 -49.60 22.25 -21.04
C SER A 480 -50.08 20.84 -20.67
N TYR A 481 -49.90 20.40 -19.43
CA TYR A 481 -50.40 19.07 -19.04
C TYR A 481 -51.28 19.23 -17.82
N ARG A 482 -52.44 18.59 -17.80
CA ARG A 482 -53.22 18.64 -16.58
C ARG A 482 -53.91 17.32 -16.26
N ASP A 483 -53.68 16.79 -15.06
CA ASP A 483 -54.36 15.55 -14.66
C ASP A 483 -55.80 15.87 -14.33
N ILE A 484 -56.73 15.25 -15.07
CA ILE A 484 -58.15 15.38 -14.74
C ILE A 484 -58.57 14.91 -13.35
N ASP A 485 -57.99 13.83 -12.83
CA ASP A 485 -58.31 13.39 -11.47
C ASP A 485 -57.20 12.59 -10.82
N PRO A 486 -56.30 13.28 -10.11
CA PRO A 486 -55.17 12.61 -9.48
C PRO A 486 -55.56 11.49 -8.57
N SER A 487 -56.79 11.45 -8.07
CA SER A 487 -57.14 10.42 -7.08
C SER A 487 -57.72 9.14 -7.73
N ASN A 488 -58.09 9.22 -8.99
CA ASN A 488 -58.66 8.07 -9.70
C ASN A 488 -57.61 6.96 -9.84
N ALA A 489 -57.89 5.78 -9.29
CA ALA A 489 -56.97 4.64 -9.43
C ALA A 489 -57.33 3.65 -10.55
N ASP A 490 -58.32 3.99 -11.36
CA ASP A 490 -58.74 3.12 -12.45
C ASP A 490 -58.39 3.62 -13.85
N VAL A 491 -58.78 4.85 -14.13
CA VAL A 491 -58.70 5.38 -15.49
C VAL A 491 -57.83 6.61 -15.43
N TYR A 492 -56.75 6.59 -16.20
CA TYR A 492 -55.82 7.75 -16.28
C TYR A 492 -56.28 8.69 -17.37
N ALA A 493 -56.56 9.96 -17.00
CA ALA A 493 -57.07 10.91 -18.00
C ALA A 493 -56.47 12.25 -17.77
N TYR A 494 -56.20 12.94 -18.86
CA TYR A 494 -55.47 14.17 -18.76
C TYR A 494 -55.64 14.98 -20.04
N THR A 495 -55.35 16.27 -19.95
CA THR A 495 -55.43 17.08 -21.15
C THR A 495 -54.08 17.68 -21.50
N ARG A 496 -53.91 17.99 -22.78
CA ARG A 496 -52.74 18.69 -23.28
C ARG A 496 -53.34 19.85 -24.05
N SER A 497 -52.83 21.06 -23.82
CA SER A 497 -53.43 22.22 -24.46
C SER A 497 -52.36 23.15 -25.01
N GLN A 498 -52.64 23.76 -26.16
CA GLN A 498 -51.74 24.77 -26.73
C GLN A 498 -52.44 25.52 -27.84
N ASP A 499 -52.21 26.83 -27.82
CA ASP A 499 -52.83 27.74 -28.76
C ASP A 499 -54.34 27.49 -28.95
N GLY A 500 -55.03 27.40 -27.83
CA GLY A 500 -56.48 27.25 -27.83
C GLY A 500 -57.01 25.93 -28.35
N GLU A 501 -56.14 24.91 -28.46
CA GLU A 501 -56.59 23.56 -28.79
C GLU A 501 -56.30 22.65 -27.60
N THR A 502 -57.27 21.82 -27.23
CA THR A 502 -57.13 20.91 -26.08
C THR A 502 -57.36 19.47 -26.55
N TYR A 503 -56.53 18.56 -26.07
CA TYR A 503 -56.66 17.13 -26.37
C TYR A 503 -56.87 16.41 -25.06
N LEU A 504 -57.60 15.31 -25.12
CA LEU A 504 -57.90 14.51 -23.95
C LEU A 504 -57.31 13.13 -24.17
N VAL A 505 -56.56 12.63 -23.20
CA VAL A 505 -56.04 11.28 -23.27
C VAL A 505 -56.72 10.47 -22.18
N VAL A 506 -57.23 9.30 -22.55
CA VAL A 506 -57.94 8.50 -21.56
C VAL A 506 -57.49 7.06 -21.68
N VAL A 507 -57.03 6.49 -20.57
CA VAL A 507 -56.44 5.17 -20.61
C VAL A 507 -56.97 4.37 -19.40
N ASN A 508 -57.66 3.27 -19.67
CA ASN A 508 -58.15 2.42 -18.59
C ASN A 508 -57.00 1.54 -18.15
N PHE A 509 -56.58 1.58 -16.90
CA PHE A 509 -55.51 0.66 -16.51
C PHE A 509 -56.05 -0.65 -15.90
N LYS A 510 -57.36 -0.83 -15.92
CA LYS A 510 -57.96 -2.02 -15.32
C LYS A 510 -58.28 -3.06 -16.40
N ALA A 511 -58.28 -4.34 -16.03
CA ALA A 511 -58.64 -5.36 -17.01
C ALA A 511 -60.13 -5.56 -17.05
N GLU A 512 -60.89 -4.50 -16.85
CA GLU A 512 -62.34 -4.65 -16.82
C GLU A 512 -62.93 -3.44 -17.48
N PRO A 513 -64.25 -3.48 -17.81
CA PRO A 513 -64.86 -2.26 -18.34
C PRO A 513 -64.92 -1.21 -17.27
N ARG A 514 -64.84 0.05 -17.67
CA ARG A 514 -64.91 1.19 -16.77
C ARG A 514 -65.53 2.30 -17.58
N SER A 515 -66.13 3.28 -16.91
CA SER A 515 -66.63 4.45 -17.62
C SER A 515 -65.78 5.64 -17.27
N PHE A 516 -66.02 6.73 -17.97
CA PHE A 516 -65.28 7.94 -17.76
C PHE A 516 -66.16 9.13 -18.11
N THR A 517 -66.32 10.03 -17.16
CA THR A 517 -67.12 11.21 -17.42
C THR A 517 -66.17 12.38 -17.63
N LEU A 518 -66.26 13.02 -18.80
CA LEU A 518 -65.47 14.20 -19.09
C LEU A 518 -65.83 15.26 -18.08
N PRO A 519 -64.89 16.18 -17.80
CA PRO A 519 -65.14 17.32 -16.91
C PRO A 519 -66.32 18.15 -17.42
N ASP A 520 -67.13 18.69 -16.51
CA ASP A 520 -68.28 19.50 -16.90
C ASP A 520 -67.82 20.61 -17.84
N GLY A 521 -68.55 20.79 -18.94
CA GLY A 521 -68.23 21.81 -19.92
C GLY A 521 -67.41 21.32 -21.08
N MET A 522 -66.87 20.11 -20.95
CA MET A 522 -65.99 19.58 -21.99
C MET A 522 -66.67 18.44 -22.73
N HIS A 523 -66.53 18.43 -24.05
CA HIS A 523 -67.15 17.40 -24.87
C HIS A 523 -66.19 16.94 -25.98
N ILE A 524 -66.37 15.72 -26.46
CA ILE A 524 -65.57 15.17 -27.53
C ILE A 524 -65.83 15.76 -28.92
N ALA A 525 -64.77 16.23 -29.57
CA ALA A 525 -64.89 16.81 -30.90
C ALA A 525 -64.49 15.82 -31.98
N GLU A 526 -63.34 15.17 -31.79
CA GLU A 526 -62.85 14.18 -32.73
C GLU A 526 -62.02 13.09 -32.02
N THR A 527 -61.94 11.92 -32.63
CA THR A 527 -61.22 10.79 -32.08
C THR A 527 -59.98 10.60 -32.90
N LEU A 528 -58.81 10.86 -32.32
CA LEU A 528 -57.57 10.70 -33.09
C LEU A 528 -57.20 9.23 -33.24
N ILE A 529 -57.29 8.44 -32.18
CA ILE A 529 -56.85 7.05 -32.26
C ILE A 529 -57.24 6.37 -31.00
N GLU A 530 -57.45 5.05 -31.04
CA GLU A 530 -57.79 4.31 -29.84
C GLU A 530 -57.20 2.94 -29.95
N SER A 531 -56.97 2.30 -28.81
CA SER A 531 -56.58 0.91 -28.82
C SER A 531 -57.60 0.13 -28.02
N SER A 532 -57.81 -1.10 -28.46
CA SER A 532 -58.75 -2.02 -27.81
C SER A 532 -60.16 -1.45 -27.71
N SER A 533 -60.53 -0.54 -28.62
CA SER A 533 -61.90 -0.01 -28.63
C SER A 533 -62.71 -0.60 -29.78
N PRO A 534 -63.99 -0.95 -29.51
CA PRO A 534 -64.80 -1.47 -30.61
C PRO A 534 -65.31 -0.30 -31.45
N ALA A 535 -65.50 0.85 -30.83
CA ALA A 535 -65.95 2.03 -31.57
C ALA A 535 -65.65 3.31 -30.84
N ALA A 536 -65.46 4.35 -31.65
CA ALA A 536 -65.14 5.70 -31.18
C ALA A 536 -66.39 6.33 -30.60
N PRO A 537 -66.22 7.22 -29.62
CA PRO A 537 -67.27 8.11 -29.13
C PRO A 537 -67.91 8.90 -30.25
N ALA A 538 -69.18 9.22 -30.05
CA ALA A 538 -69.92 10.09 -30.94
C ALA A 538 -69.50 11.52 -30.66
N ALA A 539 -69.42 12.29 -31.72
CA ALA A 539 -69.18 13.72 -31.59
C ALA A 539 -70.09 14.31 -30.51
N GLY A 540 -69.53 15.15 -29.65
CA GLY A 540 -70.29 15.74 -28.57
C GLY A 540 -70.34 14.97 -27.26
N ALA A 541 -69.74 13.79 -27.23
CA ALA A 541 -69.82 12.92 -26.06
C ALA A 541 -69.29 13.58 -24.76
N ALA A 542 -70.06 13.43 -23.68
CA ALA A 542 -69.75 13.95 -22.35
C ALA A 542 -69.16 12.85 -21.50
N SER A 543 -69.04 11.66 -22.10
CA SER A 543 -68.52 10.50 -21.40
C SER A 543 -68.09 9.41 -22.36
N LEU A 544 -67.40 8.38 -21.85
CA LEU A 544 -66.89 7.27 -22.66
C LEU A 544 -67.07 5.95 -21.94
N GLU A 545 -67.32 4.88 -22.70
CA GLU A 545 -67.34 3.51 -22.16
C GLU A 545 -66.06 2.83 -22.56
N LEU A 546 -65.31 2.36 -21.57
CA LEU A 546 -63.98 1.85 -21.88
C LEU A 546 -63.88 0.33 -21.80
N GLN A 547 -63.31 -0.27 -22.83
CA GLN A 547 -62.98 -1.69 -22.73
C GLN A 547 -61.76 -1.88 -21.82
N PRO A 548 -61.52 -3.13 -21.39
CA PRO A 548 -60.30 -3.36 -20.59
C PRO A 548 -59.07 -2.85 -21.33
N TRP A 549 -58.21 -2.20 -20.57
CA TRP A 549 -56.96 -1.65 -21.12
C TRP A 549 -57.12 -0.73 -22.36
N GLN A 550 -58.30 -0.20 -22.60
CA GLN A 550 -58.48 0.69 -23.75
C GLN A 550 -57.72 2.00 -23.60
N SER A 551 -57.19 2.51 -24.70
CA SER A 551 -56.64 3.85 -24.64
C SER A 551 -57.14 4.66 -25.82
N GLY A 552 -57.18 5.97 -25.66
CA GLY A 552 -57.54 6.84 -26.77
C GLY A 552 -57.04 8.25 -26.59
N ILE A 553 -56.93 8.96 -27.71
CA ILE A 553 -56.64 10.38 -27.72
C ILE A 553 -57.75 11.06 -28.53
N TYR A 554 -58.28 12.14 -27.97
CA TYR A 554 -59.40 12.87 -28.55
C TYR A 554 -59.14 14.38 -28.50
N LYS A 555 -59.60 15.08 -29.53
CA LYS A 555 -59.68 16.53 -29.43
C LYS A 555 -61.03 16.84 -28.83
N VAL A 556 -61.06 17.77 -27.88
CA VAL A 556 -62.31 18.14 -27.26
C VAL A 556 -62.67 19.56 -27.64
N LYS A 557 -63.89 19.95 -27.23
CA LYS A 557 -64.42 21.30 -27.36
C LYS A 557 -65.22 21.73 -26.10
N GLY B 3 58.69 6.18 18.14
CA GLY B 3 58.02 5.42 19.18
C GLY B 3 56.56 5.09 18.83
N ALA B 4 56.03 4.08 19.45
CA ALA B 4 54.67 3.66 19.12
C ALA B 4 53.61 4.62 19.71
N PRO B 5 52.60 4.97 18.91
CA PRO B 5 51.46 5.76 19.40
C PRO B 5 50.86 5.15 20.67
N TRP B 6 50.27 5.96 21.55
CA TRP B 6 49.77 5.48 22.84
C TRP B 6 48.78 4.33 22.66
N TRP B 7 48.01 4.39 21.57
CA TRP B 7 46.99 3.36 21.31
C TRP B 7 47.49 1.99 20.96
N LYS B 8 48.73 1.86 20.52
CA LYS B 8 49.25 0.53 20.26
C LYS B 8 49.58 -0.23 21.54
N SER B 9 49.87 0.50 22.61
CA SER B 9 50.20 -0.16 23.86
C SER B 9 49.07 -0.04 24.89
N ALA B 10 47.93 0.47 24.45
CA ALA B 10 46.79 0.64 25.30
C ALA B 10 45.99 -0.64 25.48
N VAL B 11 45.39 -0.80 26.65
CA VAL B 11 44.31 -1.81 26.82
C VAL B 11 42.98 -1.06 26.88
N PHE B 12 42.04 -1.37 25.98
CA PHE B 12 40.76 -0.64 25.95
C PHE B 12 39.70 -1.48 26.66
N TYR B 13 38.61 -0.82 27.05
CA TYR B 13 37.48 -1.51 27.62
C TYR B 13 36.27 -0.98 26.92
N GLN B 14 35.41 -1.87 26.42
CA GLN B 14 34.20 -1.47 25.75
C GLN B 14 33.07 -1.43 26.76
N VAL B 15 32.39 -0.28 26.82
CA VAL B 15 31.22 -0.14 27.69
C VAL B 15 29.97 -0.01 26.89
N TYR B 16 28.97 -0.86 27.14
CA TYR B 16 27.69 -0.75 26.47
C TYR B 16 26.83 -0.02 27.50
N PRO B 17 26.68 1.32 27.36
CA PRO B 17 26.19 2.14 28.48
C PRO B 17 24.80 1.69 28.91
N ARG B 18 23.95 1.27 27.98
CA ARG B 18 22.60 0.79 28.28
C ARG B 18 22.58 -0.32 29.36
N SER B 19 23.69 -1.04 29.51
CA SER B 19 23.69 -2.23 30.37
C SER B 19 24.84 -2.21 31.34
N PHE B 20 25.52 -1.08 31.49
CA PHE B 20 26.63 -0.99 32.42
C PHE B 20 26.24 -0.58 33.86
N LYS B 21 25.79 0.68 34.06
CA LYS B 21 25.27 1.17 35.40
C LYS B 21 24.08 2.17 35.34
N ASP B 22 22.92 1.78 35.90
CA ASP B 22 21.73 2.66 35.99
C ASP B 22 21.83 3.51 37.28
N THR B 23 21.54 4.80 37.22
CA THR B 23 21.58 5.64 38.43
C THR B 23 20.27 6.34 38.73
N ASN B 24 19.23 6.06 37.95
CA ASN B 24 17.95 6.76 38.16
C ASN B 24 16.74 5.82 38.12
N GLY B 25 16.98 4.56 38.40
CA GLY B 25 15.90 3.56 38.47
C GLY B 25 15.02 3.19 37.29
N ASP B 26 15.39 3.62 36.08
CA ASP B 26 14.61 3.28 34.89
C ASP B 26 15.01 1.95 34.26
N GLY B 27 16.03 1.31 34.83
CA GLY B 27 16.49 -0.01 34.37
C GLY B 27 17.40 0.07 33.14
N ILE B 28 17.82 1.28 32.79
CA ILE B 28 18.73 1.46 31.64
C ILE B 28 19.94 2.17 32.16
N GLY B 29 21.13 1.69 31.79
CA GLY B 29 22.35 2.29 32.26
C GLY B 29 22.55 3.66 31.68
N ASP B 30 23.38 4.49 32.32
CA ASP B 30 23.47 5.87 31.86
C ASP B 30 24.86 6.46 32.12
N PHE B 31 25.08 7.70 31.69
CA PHE B 31 26.40 8.31 31.86
C PHE B 31 26.82 8.48 33.33
N LYS B 32 25.91 8.94 34.18
CA LYS B 32 26.24 9.11 35.59
C LYS B 32 26.69 7.79 36.19
N GLY B 33 26.05 6.68 35.76
CA GLY B 33 26.48 5.37 36.18
C GLY B 33 27.90 5.02 35.78
N LEU B 34 28.20 5.23 34.49
CA LEU B 34 29.52 4.95 33.98
C LEU B 34 30.52 5.80 34.70
N THR B 35 30.14 7.04 34.91
CA THR B 35 31.07 8.00 35.54
C THR B 35 31.47 7.56 36.95
N GLU B 36 30.50 7.00 37.66
CA GLU B 36 30.73 6.64 39.06
C GLU B 36 31.58 5.41 39.20
N LYS B 37 31.77 4.70 38.08
CA LYS B 37 32.56 3.46 38.04
C LYS B 37 33.91 3.63 37.37
N LEU B 38 34.35 4.86 37.16
CA LEU B 38 35.64 5.02 36.51
C LEU B 38 36.78 4.58 37.40
N ASP B 39 36.67 4.79 38.71
CA ASP B 39 37.71 4.25 39.58
C ASP B 39 37.84 2.73 39.42
N TYR B 40 36.70 2.05 39.23
CA TYR B 40 36.72 0.60 39.03
C TYR B 40 37.52 0.25 37.78
N LEU B 41 37.28 0.97 36.68
CA LEU B 41 38.01 0.69 35.43
C LEU B 41 39.47 1.09 35.53
N LYS B 42 39.73 2.22 36.19
CA LYS B 42 41.12 2.62 36.43
C LYS B 42 41.88 1.57 37.23
N GLY B 43 41.24 1.12 38.30
CA GLY B 43 41.83 0.09 39.14
C GLY B 43 42.12 -1.17 38.38
N LEU B 44 41.24 -1.51 37.45
CA LEU B 44 41.49 -2.70 36.62
C LEU B 44 42.74 -2.50 35.73
N GLY B 45 43.01 -1.25 35.34
CA GLY B 45 44.17 -0.93 34.54
C GLY B 45 43.84 -0.41 33.15
N ILE B 46 42.58 0.02 32.95
CA ILE B 46 42.09 0.32 31.62
C ILE B 46 42.70 1.65 31.19
N ASP B 47 43.16 1.76 29.95
CA ASP B 47 43.78 3.01 29.45
C ASP B 47 42.73 3.87 28.73
N ALA B 48 41.74 3.23 28.15
CA ALA B 48 40.79 3.99 27.34
C ALA B 48 39.50 3.21 27.30
N ILE B 49 38.37 3.91 27.18
CA ILE B 49 37.12 3.21 27.01
C ILE B 49 36.49 3.56 25.68
N TRP B 50 35.85 2.57 25.05
CA TRP B 50 35.02 2.80 23.87
C TRP B 50 33.59 2.65 24.34
N ILE B 51 32.78 3.67 24.15
CA ILE B 51 31.35 3.55 24.44
C ILE B 51 30.53 3.36 23.16
N ASN B 52 29.50 2.53 23.28
CA ASN B 52 28.56 2.36 22.22
C ASN B 52 27.76 3.63 21.99
N PRO B 53 26.98 3.71 20.89
CA PRO B 53 26.51 5.05 20.49
C PRO B 53 25.75 5.73 21.62
N HIS B 54 26.01 7.03 21.80
CA HIS B 54 25.44 7.79 22.90
C HIS B 54 24.60 8.99 22.44
N TYR B 55 24.15 8.95 21.18
CA TYR B 55 23.41 10.03 20.55
C TYR B 55 21.90 9.89 20.65
N ALA B 56 21.17 10.99 20.49
CA ALA B 56 19.69 10.92 20.37
C ALA B 56 19.24 9.77 19.44
N SER B 57 18.33 8.92 19.89
CA SER B 57 18.00 7.74 19.10
C SER B 57 16.64 7.23 19.49
N PRO B 58 15.81 6.74 18.54
CA PRO B 58 14.53 6.12 18.94
C PRO B 58 14.79 4.75 19.54
N ASN B 59 16.04 4.31 19.45
CA ASN B 59 16.47 2.99 19.95
C ASN B 59 15.79 1.79 19.37
N THR B 60 15.42 1.85 18.09
CA THR B 60 14.94 0.62 17.42
C THR B 60 16.10 -0.34 17.30
N ASP B 61 17.32 0.19 17.28
CA ASP B 61 18.55 -0.66 17.35
C ASP B 61 19.53 -0.13 18.43
N ASN B 62 18.97 0.21 19.59
CA ASN B 62 19.75 0.56 20.78
C ASN B 62 20.91 1.46 20.52
N GLY B 63 20.63 2.60 19.90
CA GLY B 63 21.70 3.57 19.69
C GLY B 63 22.24 3.64 18.28
N TYR B 64 22.09 2.55 17.51
CA TYR B 64 22.64 2.54 16.15
C TYR B 64 21.72 3.19 15.12
N ASP B 65 20.55 3.65 15.61
CA ASP B 65 19.63 4.45 14.79
C ASP B 65 19.54 5.88 15.33
N ILE B 66 20.38 6.73 14.77
CA ILE B 66 20.57 8.06 15.36
C ILE B 66 19.68 9.09 14.70
N SER B 67 18.97 9.86 15.51
CA SER B 67 18.07 10.87 14.99
C SER B 67 18.63 12.28 15.16
N ASP B 68 19.72 12.41 15.91
CA ASP B 68 20.42 13.71 16.00
C ASP B 68 21.85 13.48 16.49
N TYR B 69 22.79 13.70 15.59
CA TYR B 69 24.19 13.36 15.85
C TYR B 69 24.85 14.34 16.82
N ARG B 70 24.17 15.42 17.16
CA ARG B 70 24.80 16.39 18.05
C ARG B 70 24.14 16.52 19.43
N GLU B 71 23.27 15.55 19.74
CA GLU B 71 22.58 15.49 21.01
C GLU B 71 22.78 14.13 21.67
N VAL B 72 22.86 14.14 22.99
CA VAL B 72 23.12 12.92 23.73
C VAL B 72 21.82 12.15 23.81
N MET B 73 21.89 10.82 23.85
CA MET B 73 20.68 10.02 24.02
C MET B 73 19.99 10.36 25.35
N LYS B 74 18.67 10.60 25.32
CA LYS B 74 17.95 10.96 26.53
C LYS B 74 18.16 9.96 27.64
N GLU B 75 18.18 8.69 27.28
CA GLU B 75 18.37 7.67 28.30
C GLU B 75 19.70 7.78 29.02
N TYR B 76 20.73 8.37 28.39
CA TYR B 76 22.06 8.29 29.02
C TYR B 76 22.37 9.57 29.77
N GLY B 77 21.59 10.60 29.49
CA GLY B 77 21.76 11.86 30.21
C GLY B 77 21.78 13.07 29.32
N THR B 78 22.56 14.07 29.74
CA THR B 78 22.57 15.37 29.12
C THR B 78 23.96 15.57 28.58
N MET B 79 24.10 16.53 27.67
CA MET B 79 25.44 16.92 27.19
C MET B 79 26.36 17.20 28.37
N GLU B 80 25.79 17.79 29.43
CA GLU B 80 26.60 18.10 30.60
C GLU B 80 27.17 16.82 31.20
N ASP B 81 26.35 15.77 31.27
CA ASP B 81 26.82 14.50 31.81
C ASP B 81 27.94 13.92 30.97
N PHE B 82 27.83 14.08 29.65
CA PHE B 82 28.80 13.57 28.72
C PHE B 82 30.08 14.35 28.96
N ASP B 83 29.92 15.64 29.22
CA ASP B 83 31.09 16.47 29.41
C ASP B 83 31.78 16.09 30.71
N ARG B 84 30.98 15.78 31.74
CA ARG B 84 31.54 15.34 33.01
C ARG B 84 32.20 13.98 32.87
N LEU B 85 31.65 13.12 32.02
CA LEU B 85 32.31 11.85 31.78
C LEU B 85 33.74 12.05 31.21
N MET B 86 33.85 12.87 30.18
CA MET B 86 35.14 13.20 29.60
C MET B 86 36.11 13.78 30.62
N ALA B 87 35.59 14.68 31.44
CA ALA B 87 36.45 15.36 32.42
C ALA B 87 36.94 14.39 33.49
N GLU B 88 36.09 13.44 33.91
CA GLU B 88 36.49 12.49 34.93
C GLU B 88 37.44 11.45 34.36
N LEU B 89 37.29 11.11 33.08
CA LEU B 89 38.25 10.23 32.45
C LEU B 89 39.62 10.88 32.42
N LYS B 90 39.63 12.14 32.02
CA LYS B 90 40.89 12.85 31.84
C LYS B 90 41.63 13.06 33.16
N LYS B 91 40.88 13.32 34.22
CA LYS B 91 41.49 13.43 35.56
C LYS B 91 42.22 12.17 35.91
N ARG B 92 41.73 11.05 35.41
CA ARG B 92 42.34 9.75 35.67
C ARG B 92 43.34 9.32 34.61
N GLY B 93 43.63 10.21 33.66
CA GLY B 93 44.61 9.89 32.65
C GLY B 93 44.05 8.92 31.62
N MET B 94 42.73 8.81 31.56
N MET B 94 42.73 8.87 31.54
CA MET B 94 42.09 7.86 30.66
CA MET B 94 42.10 7.92 30.64
C MET B 94 41.47 8.60 29.47
C MET B 94 41.44 8.61 29.45
N ARG B 95 41.19 7.85 28.39
CA ARG B 95 40.64 8.43 27.16
C ARG B 95 39.32 7.82 26.76
N LEU B 96 38.60 8.55 25.92
CA LEU B 96 37.28 8.14 25.46
C LEU B 96 37.29 7.95 23.96
N MET B 97 36.80 6.78 23.51
CA MET B 97 36.52 6.53 22.09
C MET B 97 35.03 6.45 21.91
N VAL B 98 34.47 7.20 20.96
CA VAL B 98 33.01 7.13 20.78
C VAL B 98 32.69 6.34 19.51
N ASP B 99 31.44 5.91 19.41
CA ASP B 99 30.99 5.12 18.28
C ASP B 99 30.42 6.13 17.31
N VAL B 100 30.68 5.91 16.03
CA VAL B 100 30.28 6.84 14.99
C VAL B 100 29.51 6.00 14.02
N VAL B 101 28.25 6.37 13.79
CA VAL B 101 27.39 5.52 13.01
C VAL B 101 26.88 6.32 11.86
N ILE B 102 27.60 6.25 10.74
CA ILE B 102 27.34 7.13 9.61
C ILE B 102 27.21 6.36 8.30
N ASN B 103 27.00 5.05 8.37
CA ASN B 103 26.48 4.32 7.20
C ASN B 103 25.00 4.68 7.02
N HIS B 104 24.33 5.07 8.11
CA HIS B 104 22.88 5.21 8.11
C HIS B 104 22.47 6.03 9.31
N SER B 105 21.26 6.61 9.25
CA SER B 105 20.72 7.34 10.38
C SER B 105 19.39 6.72 10.75
N SER B 106 18.74 7.21 11.79
CA SER B 106 17.35 6.83 12.05
C SER B 106 16.48 7.44 10.95
N ASP B 107 15.30 6.86 10.72
CA ASP B 107 14.33 7.50 9.83
C ASP B 107 13.63 8.71 10.49
N GLN B 108 13.95 8.95 11.76
CA GLN B 108 13.44 10.10 12.48
C GLN B 108 14.45 11.23 12.47
N HIS B 109 15.60 11.05 11.82
CA HIS B 109 16.54 12.17 11.67
C HIS B 109 15.83 13.19 10.80
N GLU B 110 15.93 14.47 11.15
CA GLU B 110 15.42 15.54 10.28
C GLU B 110 15.86 15.47 8.81
N TRP B 111 17.06 14.99 8.52
CA TRP B 111 17.44 14.85 7.11
C TRP B 111 16.52 13.86 6.43
N PHE B 112 16.16 12.78 7.10
CA PHE B 112 15.34 11.78 6.44
C PHE B 112 13.89 12.25 6.40
N LYS B 113 13.40 12.94 7.45
CA LYS B 113 12.04 13.47 7.38
C LYS B 113 11.85 14.45 6.20
N SER B 114 12.87 15.26 5.92
CA SER B 114 12.84 16.15 4.78
C SER B 114 13.02 15.41 3.48
N SER B 115 14.00 14.51 3.44
CA SER B 115 14.37 13.83 2.19
C SER B 115 13.14 13.11 1.66
N ARG B 116 12.42 12.45 2.55
CA ARG B 116 11.34 11.55 2.16
C ARG B 116 10.10 12.31 1.72
N ALA B 117 10.01 13.58 2.06
CA ALA B 117 8.74 14.31 1.85
C ALA B 117 8.39 14.64 0.38
N SER B 118 9.36 14.58 -0.52
CA SER B 118 9.09 14.91 -1.90
C SER B 118 10.27 14.48 -2.74
N LYS B 119 10.13 14.47 -4.06
CA LYS B 119 11.25 14.07 -4.92
C LYS B 119 12.21 15.24 -5.15
N ASP B 120 11.69 16.45 -4.98
CA ASP B 120 12.50 17.63 -5.30
C ASP B 120 12.70 18.44 -4.05
N ASN B 121 13.48 17.94 -3.11
CA ASN B 121 13.82 18.77 -1.97
C ASN B 121 15.32 18.64 -1.72
N PRO B 122 15.91 19.57 -0.96
CA PRO B 122 17.38 19.57 -0.95
C PRO B 122 17.98 18.44 -0.16
N TYR B 123 17.17 17.56 0.43
CA TYR B 123 17.75 16.46 1.20
C TYR B 123 17.47 15.15 0.51
N ARG B 124 16.85 15.21 -0.67
CA ARG B 124 16.49 13.99 -1.38
C ARG B 124 17.71 13.10 -1.53
N ASP B 125 18.86 13.64 -1.88
CA ASP B 125 20.00 12.79 -2.14
C ASP B 125 20.88 12.62 -0.92
N TYR B 126 20.40 12.96 0.27
CA TYR B 126 21.11 12.53 1.46
C TYR B 126 20.95 11.04 1.65
N TYR B 127 19.93 10.43 1.02
CA TYR B 127 19.61 9.00 1.10
C TYR B 127 19.51 8.43 -0.32
N PHE B 128 19.19 7.14 -0.50
CA PHE B 128 19.13 6.53 -1.82
C PHE B 128 17.71 6.23 -2.07
N TRP B 129 17.12 6.97 -3.00
CA TRP B 129 15.74 6.75 -3.43
C TRP B 129 15.74 6.27 -4.86
N ARG B 130 15.07 5.14 -5.11
CA ARG B 130 15.07 4.53 -6.44
C ARG B 130 13.68 4.06 -6.82
N ASP B 131 13.38 4.10 -8.13
CA ASP B 131 12.19 3.44 -8.66
C ASP B 131 12.34 1.95 -8.53
N GLY B 132 11.24 1.26 -8.23
CA GLY B 132 11.22 -0.19 -8.30
C GLY B 132 11.40 -0.69 -9.75
N LYS B 133 11.57 -2.00 -9.94
CA LYS B 133 11.72 -2.58 -11.28
C LYS B 133 10.80 -3.77 -11.44
N ASP B 134 10.30 -3.96 -12.67
CA ASP B 134 9.40 -5.05 -13.03
C ASP B 134 8.38 -5.46 -11.97
N GLY B 135 7.77 -4.48 -11.31
CA GLY B 135 6.71 -4.79 -10.36
C GLY B 135 7.13 -4.84 -8.89
N HIS B 136 8.44 -4.79 -8.62
CA HIS B 136 8.94 -5.02 -7.27
C HIS B 136 10.02 -4.03 -6.86
N GLU B 137 10.92 -4.44 -5.97
CA GLU B 137 12.04 -3.61 -5.50
C GLU B 137 13.02 -3.24 -6.60
N PRO B 138 13.83 -2.21 -6.37
CA PRO B 138 14.83 -1.82 -7.36
C PRO B 138 15.82 -2.91 -7.70
N ASN B 139 16.12 -3.78 -6.73
CA ASN B 139 16.94 -4.95 -7.06
C ASN B 139 16.79 -5.99 -5.95
N ASN B 140 17.62 -7.02 -5.95
CA ASN B 140 17.38 -8.13 -5.00
C ASN B 140 18.18 -8.02 -3.70
N TYR B 141 18.63 -6.83 -3.34
CA TYR B 141 19.44 -6.67 -2.12
C TYR B 141 18.62 -7.12 -0.92
N PRO B 142 19.19 -8.01 -0.10
CA PRO B 142 18.49 -8.25 1.17
C PRO B 142 18.99 -7.34 2.30
N SER B 143 18.16 -7.15 3.32
CA SER B 143 18.56 -6.44 4.56
C SER B 143 19.06 -7.39 5.61
N PHE B 144 20.08 -6.97 6.36
CA PHE B 144 20.53 -7.72 7.53
C PHE B 144 19.45 -7.98 8.54
N PHE B 145 18.50 -7.05 8.61
CA PHE B 145 17.49 -7.09 9.65
C PHE B 145 16.14 -7.51 9.11
N GLY B 146 16.14 -8.19 7.96
CA GLY B 146 14.91 -8.83 7.52
C GLY B 146 14.30 -8.27 6.26
N GLY B 147 13.89 -9.15 5.35
CA GLY B 147 13.25 -8.68 4.11
C GLY B 147 14.23 -7.99 3.17
N SER B 148 13.66 -7.24 2.25
CA SER B 148 14.40 -6.44 1.27
C SER B 148 15.12 -5.24 1.85
N ALA B 149 16.21 -4.84 1.22
CA ALA B 149 16.94 -3.68 1.74
C ALA B 149 16.30 -2.41 1.16
N TRP B 150 15.17 -2.60 0.47
CA TRP B 150 14.44 -1.50 -0.10
C TRP B 150 13.01 -1.38 0.43
N GLU B 151 12.66 -0.18 0.87
CA GLU B 151 11.38 0.05 1.52
C GLU B 151 10.66 1.10 0.72
N LYS B 152 9.45 0.79 0.28
CA LYS B 152 8.75 1.72 -0.62
C LYS B 152 8.10 2.80 0.20
N ASP B 153 8.11 4.03 -0.30
CA ASP B 153 7.50 5.11 0.48
C ASP B 153 6.37 5.64 -0.38
N PRO B 154 5.12 5.52 0.09
CA PRO B 154 3.98 5.90 -0.78
C PRO B 154 3.96 7.39 -1.11
N VAL B 155 4.58 8.22 -0.30
CA VAL B 155 4.63 9.64 -0.60
C VAL B 155 5.19 9.91 -2.00
N THR B 156 6.26 9.21 -2.39
CA THR B 156 6.88 9.39 -3.71
C THR B 156 6.79 8.16 -4.65
N GLY B 157 6.44 6.98 -4.12
CA GLY B 157 6.39 5.78 -4.94
C GLY B 157 7.76 5.16 -5.10
N GLN B 158 8.79 5.79 -4.54
CA GLN B 158 10.14 5.23 -4.62
C GLN B 158 10.51 4.54 -3.33
N TYR B 159 11.55 3.74 -3.43
CA TYR B 159 12.06 2.93 -2.32
C TYR B 159 13.33 3.55 -1.83
N TYR B 160 13.55 3.45 -0.52
CA TYR B 160 14.81 3.93 0.09
C TYR B 160 15.62 2.75 0.56
N LEU B 161 16.94 2.88 0.48
CA LEU B 161 17.84 1.76 0.80
C LEU B 161 18.08 1.70 2.29
N HIS B 162 18.10 0.47 2.82
CA HIS B 162 18.46 0.29 4.19
C HIS B 162 19.10 -1.10 4.31
N TYR B 163 20.41 -1.12 4.48
CA TYR B 163 21.07 -2.39 4.72
C TYR B 163 20.64 -2.99 6.04
N PHE B 164 20.42 -2.14 7.04
CA PHE B 164 19.96 -2.62 8.34
C PHE B 164 18.45 -2.49 8.48
N GLY B 165 17.95 -1.90 9.56
CA GLY B 165 16.52 -2.00 9.79
C GLY B 165 15.79 -1.03 8.87
N ARG B 166 14.50 -1.23 8.66
CA ARG B 166 13.71 -0.29 7.86
C ARG B 166 13.75 1.11 8.48
N GLN B 167 14.02 1.19 9.76
CA GLN B 167 14.09 2.52 10.37
C GLN B 167 15.54 3.03 10.46
N GLN B 168 16.42 2.41 9.67
CA GLN B 168 17.79 2.92 9.54
C GLN B 168 18.19 3.13 8.06
N PRO B 169 17.61 4.14 7.39
CA PRO B 169 17.98 4.38 5.97
C PRO B 169 19.45 4.76 5.80
N ASP B 170 20.10 4.18 4.78
CA ASP B 170 21.51 4.44 4.52
C ASP B 170 21.73 5.85 4.03
N LEU B 171 22.77 6.46 4.56
CA LEU B 171 23.16 7.80 4.14
C LEU B 171 23.89 7.73 2.81
N ASN B 172 23.71 8.75 1.97
CA ASN B 172 24.26 8.73 0.59
C ASN B 172 25.57 9.49 0.50
N TRP B 173 26.67 8.76 0.74
CA TRP B 173 28.04 9.30 0.70
C TRP B 173 28.44 9.81 -0.71
N ASP B 174 27.68 9.47 -1.73
CA ASP B 174 27.98 10.01 -3.05
C ASP B 174 27.57 11.46 -3.18
N THR B 175 26.95 12.05 -2.17
CA THR B 175 26.40 13.41 -2.24
C THR B 175 27.35 14.29 -1.44
N PRO B 176 28.03 15.22 -2.11
CA PRO B 176 29.08 15.91 -1.35
C PRO B 176 28.57 16.74 -0.18
N LYS B 177 27.39 17.36 -0.32
CA LYS B 177 26.85 18.07 0.84
C LYS B 177 26.65 17.15 2.04
N LEU B 178 26.24 15.90 1.79
CA LEU B 178 26.00 14.94 2.85
C LEU B 178 27.34 14.67 3.54
N ARG B 179 28.38 14.44 2.75
CA ARG B 179 29.70 14.16 3.35
C ARG B 179 30.15 15.34 4.18
N GLU B 180 29.94 16.53 3.66
CA GLU B 180 30.33 17.73 4.42
C GLU B 180 29.60 17.82 5.78
N GLU B 181 28.32 17.44 5.80
CA GLU B 181 27.53 17.45 7.02
C GLU B 181 28.16 16.44 7.99
N LEU B 182 28.54 15.29 7.49
CA LEU B 182 29.13 14.27 8.39
C LEU B 182 30.46 14.77 8.97
N TYR B 183 31.28 15.39 8.12
CA TYR B 183 32.61 15.86 8.58
C TYR B 183 32.45 16.94 9.63
N ALA B 184 31.46 17.85 9.44
CA ALA B 184 31.21 18.92 10.41
C ALA B 184 30.76 18.31 11.72
N MET B 185 29.89 17.34 11.61
CA MET B 185 29.43 16.59 12.76
C MET B 185 30.58 15.91 13.49
N LEU B 186 31.55 15.31 12.79
CA LEU B 186 32.65 14.66 13.54
C LEU B 186 33.51 15.74 14.25
N ARG B 187 33.80 16.84 13.58
CA ARG B 187 34.53 17.91 14.25
C ARG B 187 33.83 18.42 15.47
N PHE B 188 32.50 18.43 15.44
CA PHE B 188 31.74 18.79 16.66
C PHE B 188 32.17 18.00 17.87
N TRP B 189 32.29 16.69 17.70
CA TRP B 189 32.71 15.86 18.84
C TRP B 189 34.20 15.95 19.12
N LEU B 190 34.99 16.06 18.07
CA LEU B 190 36.45 16.03 18.27
C LEU B 190 36.87 17.33 18.92
N ASP B 191 36.14 18.38 18.60
CA ASP B 191 36.40 19.68 19.23
C ASP B 191 36.17 19.67 20.75
N LYS B 192 35.34 18.74 21.23
CA LYS B 192 35.10 18.54 22.66
C LYS B 192 36.24 17.78 23.31
N GLY B 193 37.14 17.23 22.50
CA GLY B 193 38.33 16.54 23.01
C GLY B 193 38.22 15.01 23.03
N VAL B 194 37.23 14.47 22.34
CA VAL B 194 37.07 13.03 22.26
C VAL B 194 38.37 12.42 21.68
N SER B 195 38.94 11.36 22.27
CA SER B 195 40.24 10.86 21.87
C SER B 195 40.24 9.77 20.82
N GLY B 196 39.07 9.19 20.55
CA GLY B 196 39.02 8.13 19.57
C GLY B 196 37.63 8.07 18.93
N MET B 197 37.56 7.46 17.73
CA MET B 197 36.28 7.16 17.08
C MET B 197 36.33 5.76 16.45
N ARG B 198 35.32 4.93 16.72
CA ARG B 198 35.23 3.62 16.09
C ARG B 198 34.17 3.76 15.01
N PHE B 199 34.46 3.39 13.77
CA PHE B 199 33.42 3.62 12.77
C PHE B 199 32.61 2.35 12.49
N ALA B 200 31.33 2.38 12.87
CA ALA B 200 30.42 1.23 12.68
C ALA B 200 30.26 0.91 11.20
N THR B 201 30.40 -0.38 10.85
CA THR B 201 30.23 -0.89 9.48
C THR B 201 30.87 0.06 8.45
N VAL B 202 32.14 0.31 8.67
CA VAL B 202 32.85 1.33 7.93
C VAL B 202 33.00 0.95 6.46
N ALA B 203 32.92 -0.34 6.15
CA ALA B 203 33.20 -0.78 4.78
C ALA B 203 31.99 -0.72 3.87
N THR B 204 30.82 -0.36 4.42
CA THR B 204 29.58 -0.32 3.59
C THR B 204 29.23 1.07 3.06
N TYR B 205 30.13 2.04 3.20
CA TYR B 205 29.75 3.45 2.94
C TYR B 205 29.48 3.71 1.48
N SER B 206 30.23 3.01 0.64
CA SER B 206 30.11 3.22 -0.78
C SER B 206 29.17 2.22 -1.39
N LYS B 207 28.16 2.73 -2.10
CA LYS B 207 27.22 1.86 -2.80
C LYS B 207 27.57 1.78 -4.28
N THR B 208 27.32 0.63 -4.90
CA THR B 208 27.64 0.51 -6.32
C THR B 208 26.64 1.27 -7.19
N PRO B 209 27.15 2.15 -8.07
CA PRO B 209 26.39 2.98 -9.00
C PRO B 209 25.49 2.10 -9.80
N GLY B 210 24.20 2.44 -9.83
CA GLY B 210 23.33 1.74 -10.73
C GLY B 210 22.61 0.61 -10.05
N PHE B 211 23.11 0.20 -8.88
CA PHE B 211 22.48 -0.86 -8.10
C PHE B 211 22.09 -2.10 -8.91
N PRO B 212 23.05 -2.76 -9.56
CA PRO B 212 22.68 -3.99 -10.26
C PRO B 212 22.30 -5.07 -9.26
N ASP B 213 21.53 -6.06 -9.67
CA ASP B 213 21.26 -7.21 -8.81
C ASP B 213 22.53 -7.91 -8.34
N LEU B 214 22.48 -8.47 -7.14
CA LEU B 214 23.56 -9.33 -6.71
C LEU B 214 23.46 -10.56 -7.60
N THR B 215 24.59 -11.12 -8.03
CA THR B 215 24.59 -12.46 -8.63
C THR B 215 24.18 -13.52 -7.62
N PRO B 216 23.84 -14.74 -8.09
CA PRO B 216 23.46 -15.76 -7.11
C PRO B 216 24.53 -16.02 -6.04
N GLU B 217 25.80 -15.96 -6.44
CA GLU B 217 26.96 -16.09 -5.56
C GLU B 217 26.99 -14.97 -4.52
N GLN B 218 26.86 -13.74 -5.00
CA GLN B 218 26.89 -12.59 -4.11
C GLN B 218 25.71 -12.64 -3.15
N MET B 219 24.60 -13.23 -3.60
CA MET B 219 23.41 -13.23 -2.78
C MET B 219 23.65 -14.13 -1.57
N LYS B 220 24.50 -15.12 -1.77
CA LYS B 220 24.84 -16.06 -0.71
C LYS B 220 25.66 -15.35 0.37
N ASN B 221 26.45 -14.38 -0.03
CA ASN B 221 27.22 -13.66 0.98
C ASN B 221 27.10 -12.18 0.72
N PHE B 222 25.90 -11.66 0.95
CA PHE B 222 25.65 -10.27 0.57
C PHE B 222 26.44 -9.32 1.44
N ALA B 223 26.79 -9.79 2.63
CA ALA B 223 27.52 -8.93 3.55
C ALA B 223 28.81 -8.48 2.89
N GLU B 224 29.37 -9.38 2.10
CA GLU B 224 30.63 -9.09 1.48
C GLU B 224 30.37 -8.21 0.30
N ALA B 225 29.27 -8.43 -0.44
CA ALA B 225 28.98 -7.62 -1.60
C ALA B 225 28.85 -6.17 -1.22
N TYR B 226 28.31 -5.91 -0.03
CA TYR B 226 28.06 -4.53 0.34
C TYR B 226 29.34 -3.79 0.72
N THR B 227 30.45 -4.53 0.87
CA THR B 227 31.71 -3.85 1.20
C THR B 227 32.51 -3.55 -0.06
N GLN B 228 31.93 -3.84 -1.22
CA GLN B 228 32.68 -3.70 -2.50
C GLN B 228 32.41 -2.39 -3.33
N GLY B 229 31.92 -1.35 -2.66
CA GLY B 229 31.55 -0.13 -3.37
C GLY B 229 32.80 0.54 -3.89
N PRO B 230 32.73 1.09 -5.11
CA PRO B 230 33.91 1.59 -5.84
C PRO B 230 34.56 2.88 -5.30
N ASN B 231 33.87 3.58 -4.42
CA ASN B 231 34.39 4.84 -3.89
C ASN B 231 34.76 4.78 -2.39
N LEU B 232 34.81 3.58 -1.81
CA LEU B 232 34.92 3.43 -0.37
C LEU B 232 36.16 4.13 0.16
N HIS B 233 37.29 3.80 -0.44
CA HIS B 233 38.58 4.31 0.04
C HIS B 233 38.78 5.78 -0.29
N ARG B 234 38.13 6.25 -1.36
CA ARG B 234 38.23 7.64 -1.70
C ARG B 234 37.49 8.38 -0.59
N TYR B 235 36.36 7.85 -0.12
CA TYR B 235 35.62 8.56 0.92
C TYR B 235 36.34 8.52 2.25
N LEU B 236 36.96 7.39 2.59
CA LEU B 236 37.66 7.34 3.90
C LEU B 236 38.90 8.24 3.88
N GLN B 237 39.57 8.29 2.73
CA GLN B 237 40.70 9.22 2.55
C GLN B 237 40.27 10.66 2.65
N GLU B 238 39.07 11.00 2.11
CA GLU B 238 38.60 12.39 2.25
C GLU B 238 38.24 12.73 3.70
N MET B 239 37.63 11.78 4.40
CA MET B 239 37.28 11.99 5.81
C MET B 239 38.54 12.27 6.62
N HIS B 240 39.58 11.53 6.31
CA HIS B 240 40.85 11.75 6.99
C HIS B 240 41.42 13.10 6.68
N GLU B 241 41.39 13.50 5.41
CA GLU B 241 41.95 14.80 5.03
C GLU B 241 41.17 15.95 5.67
N LYS B 242 39.85 15.84 5.67
CA LYS B 242 39.00 16.94 6.07
C LYS B 242 38.79 16.96 7.58
N VAL B 243 39.01 15.84 8.23
CA VAL B 243 38.73 15.74 9.66
C VAL B 243 39.96 15.28 10.47
N PHE B 244 40.31 14.00 10.44
CA PHE B 244 41.31 13.50 11.39
C PHE B 244 42.74 14.00 11.23
N ASP B 245 43.07 14.47 10.03
CA ASP B 245 44.37 15.12 9.82
C ASP B 245 44.55 16.31 10.78
N HIS B 246 43.45 16.89 11.26
CA HIS B 246 43.49 18.11 12.07
C HIS B 246 43.36 17.88 13.55
N TYR B 247 43.32 16.61 13.96
CA TYR B 247 43.22 16.23 15.35
C TYR B 247 44.24 15.16 15.68
N ASP B 248 44.25 14.72 16.92
CA ASP B 248 45.18 13.71 17.37
C ASP B 248 44.36 12.57 17.95
N ALA B 249 43.19 12.34 17.35
CA ALA B 249 42.31 11.24 17.77
C ALA B 249 42.66 9.94 17.01
N VAL B 250 42.54 8.79 17.68
CA VAL B 250 42.72 7.48 17.02
C VAL B 250 41.43 7.06 16.37
N THR B 251 41.53 6.47 15.17
CA THR B 251 40.32 5.95 14.50
C THR B 251 40.39 4.45 14.34
N ALA B 252 39.27 3.75 14.54
CA ALA B 252 39.24 2.33 14.39
C ALA B 252 38.02 2.01 13.54
N GLY B 253 38.19 1.18 12.51
CA GLY B 253 37.02 0.80 11.71
C GLY B 253 36.47 -0.56 12.04
N GLU B 254 35.14 -0.65 12.10
CA GLU B 254 34.49 -1.97 12.20
C GLU B 254 34.34 -2.43 10.77
N ILE B 255 35.26 -3.31 10.36
CA ILE B 255 35.27 -3.80 9.00
C ILE B 255 34.46 -5.09 8.88
N PHE B 256 33.15 -4.97 8.91
CA PHE B 256 32.32 -6.19 8.88
C PHE B 256 32.04 -6.57 7.45
N GLY B 257 32.39 -7.79 7.09
CA GLY B 257 31.97 -8.33 5.79
C GLY B 257 33.07 -8.29 4.74
N ALA B 258 34.05 -7.42 4.89
CA ALA B 258 35.13 -7.36 3.92
C ALA B 258 35.96 -8.61 4.01
N PRO B 259 36.42 -9.08 2.86
CA PRO B 259 37.49 -10.09 2.87
C PRO B 259 38.75 -9.58 3.56
N LEU B 260 39.38 -10.47 4.30
CA LEU B 260 40.56 -10.09 5.03
C LEU B 260 41.66 -9.44 4.18
N ASN B 261 41.82 -9.91 2.95
CA ASN B 261 42.89 -9.37 2.09
C ASN B 261 42.72 -7.89 1.74
N GLN B 262 41.53 -7.33 1.95
CA GLN B 262 41.33 -5.89 1.71
C GLN B 262 41.56 -5.03 2.94
N VAL B 263 41.72 -5.67 4.08
CA VAL B 263 41.84 -4.92 5.30
C VAL B 263 43.03 -3.95 5.32
N PRO B 264 44.18 -4.33 4.76
CA PRO B 264 45.29 -3.36 4.74
C PRO B 264 44.90 -2.06 4.09
N LEU B 265 43.90 -2.06 3.18
CA LEU B 265 43.54 -0.81 2.50
C LEU B 265 43.00 0.18 3.51
N PHE B 266 42.43 -0.34 4.60
CA PHE B 266 41.81 0.53 5.59
C PHE B 266 42.82 1.03 6.60
N ILE B 267 43.88 0.26 6.87
CA ILE B 267 44.69 0.56 8.04
C ILE B 267 46.16 0.82 7.79
N ASP B 268 46.61 0.66 6.55
CA ASP B 268 47.99 1.06 6.25
C ASP B 268 48.14 2.54 6.51
N SER B 269 49.02 2.94 7.45
CA SER B 269 49.16 4.34 7.88
C SER B 269 49.51 5.23 6.72
N ARG B 270 50.17 4.65 5.73
CA ARG B 270 50.62 5.42 4.57
C ARG B 270 49.46 5.90 3.72
N ARG B 271 48.33 5.20 3.86
CA ARG B 271 47.15 5.49 3.08
C ARG B 271 46.29 6.60 3.69
N LYS B 272 46.55 6.97 4.94
CA LYS B 272 45.81 8.02 5.66
C LYS B 272 44.34 7.76 5.63
N GLU B 273 44.01 6.56 6.10
CA GLU B 273 42.62 6.16 6.27
C GLU B 273 42.38 5.98 7.76
N LEU B 274 42.33 4.75 8.26
CA LEU B 274 42.05 4.53 9.69
C LEU B 274 43.34 4.00 10.31
N ASP B 275 43.40 4.11 11.63
CA ASP B 275 44.55 3.66 12.41
C ASP B 275 44.50 2.16 12.71
N MET B 276 43.33 1.66 13.06
CA MET B 276 43.24 0.23 13.33
C MET B 276 41.93 -0.40 12.95
N ALA B 277 41.95 -1.73 12.91
CA ALA B 277 40.84 -2.48 12.35
C ALA B 277 40.21 -3.33 13.39
N PHE B 278 38.89 -3.38 13.40
CA PHE B 278 38.18 -4.46 14.02
C PHE B 278 37.76 -5.38 12.85
N THR B 279 38.18 -6.64 12.93
CA THR B 279 37.78 -7.62 11.90
C THR B 279 36.92 -8.66 12.56
N PHE B 280 36.19 -9.45 11.77
CA PHE B 280 35.25 -10.39 12.37
C PHE B 280 35.54 -11.82 12.00
N ASP B 281 36.66 -12.04 11.31
CA ASP B 281 37.08 -13.40 10.88
C ASP B 281 37.21 -14.31 12.10
N LEU B 282 37.83 -13.81 13.16
CA LEU B 282 37.95 -14.62 14.35
C LEU B 282 36.64 -14.76 15.12
N ILE B 283 36.03 -13.64 15.49
CA ILE B 283 34.83 -13.73 16.33
C ILE B 283 33.64 -14.42 15.63
N ARG B 284 33.61 -14.43 14.29
CA ARG B 284 32.60 -15.25 13.60
C ARG B 284 33.17 -16.51 12.94
N TYR B 285 34.28 -17.03 13.45
CA TYR B 285 34.94 -18.11 12.76
C TYR B 285 34.14 -19.41 12.78
N ASP B 286 33.18 -19.48 13.71
CA ASP B 286 32.24 -20.61 13.81
C ASP B 286 30.79 -20.24 13.59
N ARG B 287 30.56 -19.15 12.84
CA ARG B 287 29.18 -18.79 12.54
C ARG B 287 28.84 -19.16 11.08
N ALA B 288 27.67 -19.75 10.84
CA ALA B 288 27.23 -20.04 9.47
C ALA B 288 26.90 -18.75 8.74
N LEU B 289 26.83 -18.83 7.43
CA LEU B 289 26.49 -17.65 6.62
C LEU B 289 25.21 -16.96 7.04
N ASP B 290 24.25 -17.71 7.57
CA ASP B 290 22.95 -17.11 7.87
C ASP B 290 23.01 -16.29 9.14
N ARG B 291 24.11 -16.41 9.85
CA ARG B 291 24.43 -15.59 11.02
C ARG B 291 23.72 -16.02 12.28
N TRP B 292 22.94 -17.09 12.18
CA TRP B 292 22.32 -17.64 13.38
C TRP B 292 22.67 -19.09 13.72
N HIS B 293 23.04 -19.91 12.74
CA HIS B 293 23.58 -21.25 13.05
C HIS B 293 25.05 -21.17 13.44
N THR B 294 25.46 -22.14 14.27
CA THR B 294 26.86 -22.31 14.67
C THR B 294 27.44 -23.53 13.98
N ILE B 295 28.73 -23.49 13.70
CA ILE B 295 29.40 -24.57 12.98
C ILE B 295 30.54 -25.00 13.87
N PRO B 296 30.69 -26.29 14.10
CA PRO B 296 31.80 -26.75 14.96
C PRO B 296 33.16 -26.43 14.38
N ARG B 297 34.09 -25.94 15.23
CA ARG B 297 35.47 -25.61 14.86
C ARG B 297 36.43 -26.10 15.94
N THR B 298 37.73 -26.02 15.66
CA THR B 298 38.75 -26.48 16.60
C THR B 298 39.71 -25.34 16.82
N LEU B 299 40.60 -25.53 17.77
CA LEU B 299 41.64 -24.55 18.07
C LEU B 299 42.48 -24.32 16.84
N ALA B 300 42.67 -25.37 16.02
CA ALA B 300 43.42 -25.20 14.78
C ALA B 300 42.77 -24.12 13.90
N ASP B 301 41.45 -24.13 13.76
CA ASP B 301 40.79 -23.06 12.99
C ASP B 301 40.98 -21.71 13.65
N PHE B 302 40.85 -21.66 14.97
CA PHE B 302 40.98 -20.43 15.76
C PHE B 302 42.34 -19.76 15.60
N ARG B 303 43.39 -20.51 15.87
CA ARG B 303 44.76 -19.97 15.70
C ARG B 303 45.14 -19.68 14.27
N GLN B 304 44.67 -20.49 13.33
CA GLN B 304 44.96 -20.21 11.91
C GLN B 304 44.29 -18.93 11.48
N THR B 305 43.06 -18.69 11.97
CA THR B 305 42.41 -17.42 11.68
C THR B 305 43.20 -16.23 12.27
N ILE B 306 43.65 -16.35 13.49
CA ILE B 306 44.46 -15.28 14.07
C ILE B 306 45.68 -14.98 13.23
N ASP B 307 46.29 -16.05 12.73
CA ASP B 307 47.60 -15.91 12.09
C ASP B 307 47.33 -15.12 10.82
N LYS B 308 46.19 -15.39 10.19
CA LYS B 308 45.79 -14.69 8.97
C LYS B 308 45.48 -13.23 9.25
N VAL B 309 44.80 -12.96 10.36
CA VAL B 309 44.49 -11.57 10.72
C VAL B 309 45.78 -10.84 11.06
N ASP B 310 46.69 -11.51 11.77
CA ASP B 310 47.97 -10.85 12.05
C ASP B 310 48.74 -10.46 10.82
N ALA B 311 48.70 -11.35 9.83
CA ALA B 311 49.41 -11.16 8.56
C ALA B 311 49.00 -9.90 7.84
N ILE B 312 47.77 -9.44 8.03
CA ILE B 312 47.41 -8.25 7.30
C ILE B 312 47.78 -6.92 7.98
N ALA B 313 48.26 -6.96 9.22
CA ALA B 313 48.81 -5.75 9.81
C ALA B 313 50.30 -5.73 9.59
N GLY B 314 50.75 -5.06 8.55
CA GLY B 314 52.16 -5.12 8.22
C GLY B 314 52.89 -4.10 9.07
N GLU B 315 54.01 -3.58 8.58
CA GLU B 315 54.77 -2.64 9.36
C GLU B 315 53.93 -1.38 9.59
N TYR B 316 52.95 -1.16 8.73
CA TYR B 316 52.28 0.12 8.73
C TYR B 316 50.85 0.02 9.20
N GLY B 317 50.39 -1.20 9.48
CA GLY B 317 48.98 -1.42 9.82
C GLY B 317 48.85 -1.83 11.27
N TRP B 318 47.63 -1.85 11.79
CA TRP B 318 47.48 -2.27 13.19
C TRP B 318 46.09 -2.82 13.38
N ASN B 319 46.02 -3.90 14.14
CA ASN B 319 44.76 -4.57 14.47
C ASN B 319 44.32 -4.29 15.91
N THR B 320 43.02 -4.29 16.14
CA THR B 320 42.50 -4.48 17.49
C THR B 320 42.44 -6.01 17.71
N PHE B 321 42.30 -6.43 18.95
CA PHE B 321 42.01 -7.82 19.22
C PHE B 321 40.88 -7.87 20.22
N PHE B 322 39.89 -8.72 20.00
CA PHE B 322 38.79 -8.82 20.95
C PHE B 322 38.16 -10.23 20.82
N LEU B 323 37.61 -10.76 21.90
CA LEU B 323 36.88 -12.01 21.78
C LEU B 323 35.41 -11.79 22.10
N GLY B 324 35.03 -10.56 22.40
CA GLY B 324 33.63 -10.31 22.64
C GLY B 324 33.30 -8.86 22.35
N ASN B 325 32.03 -8.60 22.11
CA ASN B 325 31.54 -7.25 22.01
C ASN B 325 30.02 -7.35 22.14
N HIS B 326 29.32 -6.26 21.84
CA HIS B 326 27.91 -6.22 22.12
C HIS B 326 27.08 -6.90 21.07
N ASP B 327 27.71 -7.47 20.04
CA ASP B 327 26.93 -8.07 18.98
C ASP B 327 27.12 -9.58 18.97
N ASN B 328 27.74 -10.14 20.00
CA ASN B 328 28.21 -11.51 19.93
C ASN B 328 28.05 -12.22 21.22
N PRO B 329 28.13 -13.56 21.19
CA PRO B 329 27.88 -14.17 22.48
C PRO B 329 29.07 -13.94 23.40
N ARG B 330 28.90 -14.23 24.67
CA ARG B 330 29.99 -14.05 25.63
C ARG B 330 31.22 -14.91 25.35
N ALA B 331 32.39 -14.26 25.43
CA ALA B 331 33.68 -14.89 25.24
C ALA B 331 33.83 -16.27 25.90
N VAL B 332 33.54 -16.40 27.20
CA VAL B 332 33.87 -17.64 27.85
C VAL B 332 32.88 -18.68 27.39
N SER B 333 31.64 -18.31 27.06
CA SER B 333 30.73 -19.31 26.54
C SER B 333 31.14 -19.72 25.16
N HIS B 334 31.57 -18.72 24.38
CA HIS B 334 31.78 -18.92 22.95
C HIS B 334 33.07 -19.68 22.69
N PHE B 335 34.16 -19.27 23.36
CA PHE B 335 35.49 -19.79 23.11
C PHE B 335 36.06 -20.69 24.19
N GLY B 336 35.48 -20.61 25.37
CA GLY B 336 35.96 -21.39 26.49
C GLY B 336 34.90 -22.38 26.88
N ASP B 337 34.77 -22.60 28.19
CA ASP B 337 33.83 -23.59 28.71
C ASP B 337 33.06 -23.02 29.89
N ASP B 338 31.79 -22.71 29.70
CA ASP B 338 31.12 -21.88 30.69
C ASP B 338 30.46 -22.64 31.82
N ARG B 339 30.59 -23.96 31.76
CA ARG B 339 30.12 -24.82 32.83
C ARG B 339 30.83 -24.43 34.12
N PRO B 340 30.16 -24.68 35.24
CA PRO B 340 30.61 -24.16 36.53
C PRO B 340 31.99 -24.65 36.85
N GLN B 341 32.34 -25.89 36.51
CA GLN B 341 33.66 -26.38 36.95
C GLN B 341 34.80 -25.83 36.09
N TRP B 342 34.47 -25.27 34.92
CA TRP B 342 35.50 -24.85 33.97
C TRP B 342 35.51 -23.37 33.64
N ARG B 343 34.45 -22.67 34.02
CA ARG B 343 34.23 -21.33 33.54
C ARG B 343 35.38 -20.43 33.98
N GLU B 344 35.81 -20.61 35.22
N GLU B 344 35.81 -20.60 35.23
CA GLU B 344 36.85 -19.75 35.76
CA GLU B 344 36.87 -19.74 35.74
C GLU B 344 38.20 -19.98 35.13
C GLU B 344 38.21 -19.98 35.09
N ALA B 345 38.62 -21.25 35.02
CA ALA B 345 39.89 -21.60 34.39
C ALA B 345 39.86 -21.15 32.93
N SER B 346 38.76 -21.41 32.25
CA SER B 346 38.75 -21.07 30.82
C SER B 346 38.64 -19.55 30.63
N ALA B 347 37.98 -18.84 31.53
CA ALA B 347 37.91 -17.41 31.35
C ALA B 347 39.32 -16.84 31.52
N LYS B 348 40.10 -17.45 32.40
CA LYS B 348 41.46 -16.95 32.64
C LYS B 348 42.38 -17.27 31.45
N ALA B 349 42.17 -18.42 30.86
CA ALA B 349 42.94 -18.84 29.71
C ALA B 349 42.67 -17.85 28.61
N LEU B 350 41.40 -17.49 28.40
CA LEU B 350 41.06 -16.57 27.31
C LEU B 350 41.61 -15.20 27.62
N ALA B 351 41.69 -14.86 28.91
CA ALA B 351 42.27 -13.56 29.29
C ALA B 351 43.73 -13.49 28.85
N THR B 352 44.48 -14.55 29.15
CA THR B 352 45.88 -14.62 28.74
C THR B 352 46.00 -14.44 27.25
N VAL B 353 45.12 -15.10 26.49
CA VAL B 353 45.15 -14.93 25.03
C VAL B 353 44.94 -13.46 24.66
N THR B 354 43.89 -12.85 25.21
CA THR B 354 43.45 -11.52 24.76
C THR B 354 44.56 -10.52 25.08
N LEU B 355 45.19 -10.66 26.24
CA LEU B 355 46.16 -9.66 26.65
C LEU B 355 47.61 -9.91 26.15
N THR B 356 47.82 -10.93 25.32
CA THR B 356 49.15 -11.18 24.77
C THR B 356 49.14 -11.22 23.29
N GLN B 357 48.02 -10.79 22.69
CA GLN B 357 47.92 -10.75 21.23
C GLN B 357 48.57 -9.49 20.78
N ARG B 358 49.03 -9.52 19.54
CA ARG B 358 49.57 -8.33 18.92
C ARG B 358 48.39 -7.49 18.47
N GLY B 359 48.41 -6.20 18.76
CA GLY B 359 47.27 -5.38 18.39
C GLY B 359 46.85 -4.72 19.67
N THR B 360 45.72 -4.00 19.64
CA THR B 360 45.27 -3.26 20.81
C THR B 360 44.08 -4.06 21.33
N PRO B 361 44.19 -4.68 22.54
CA PRO B 361 43.06 -5.52 23.02
C PRO B 361 41.93 -4.64 23.51
N PHE B 362 40.71 -5.13 23.32
CA PHE B 362 39.52 -4.51 23.79
C PHE B 362 38.86 -5.58 24.65
N ILE B 363 38.65 -5.25 25.91
CA ILE B 363 37.94 -6.13 26.85
C ILE B 363 36.52 -5.68 26.87
N PHE B 364 35.58 -6.59 26.59
CA PHE B 364 34.18 -6.24 26.65
C PHE B 364 33.63 -6.30 28.09
N GLN B 365 32.86 -5.30 28.47
CA GLN B 365 32.34 -5.23 29.86
C GLN B 365 31.79 -6.54 30.42
N GLY B 366 32.30 -6.97 31.58
CA GLY B 366 31.78 -8.16 32.21
C GLY B 366 32.68 -9.34 31.95
N ASP B 367 33.44 -9.29 30.87
CA ASP B 367 34.31 -10.40 30.54
C ASP B 367 35.44 -10.53 31.56
N GLU B 368 35.87 -9.40 32.16
CA GLU B 368 36.81 -9.52 33.29
C GLU B 368 36.25 -10.21 34.56
N LEU B 369 34.93 -10.44 34.63
CA LEU B 369 34.32 -11.21 35.71
C LEU B 369 34.10 -12.67 35.31
N GLY B 370 34.24 -12.98 34.01
CA GLY B 370 33.83 -14.29 33.52
C GLY B 370 32.33 -14.40 33.36
N MET B 371 31.66 -13.31 32.97
CA MET B 371 30.22 -13.37 32.70
C MET B 371 29.94 -14.27 31.52
N THR B 372 28.78 -14.91 31.53
CA THR B 372 28.49 -15.95 30.54
C THR B 372 27.24 -15.60 29.73
N ASN B 373 26.93 -16.42 28.73
CA ASN B 373 25.68 -16.34 28.00
C ASN B 373 24.51 -16.44 28.97
N TYR B 374 23.35 -15.95 28.55
CA TYR B 374 22.18 -15.88 29.38
C TYR B 374 21.37 -17.15 29.13
N PRO B 375 20.75 -17.70 30.19
CA PRO B 375 19.89 -18.89 29.99
C PRO B 375 18.50 -18.52 29.44
N PHE B 376 18.33 -18.34 28.12
CA PHE B 376 17.03 -17.87 27.60
C PHE B 376 15.94 -18.90 27.83
N LYS B 377 14.76 -18.42 28.17
CA LYS B 377 13.62 -19.25 28.48
C LYS B 377 12.32 -18.76 27.77
N THR B 378 12.18 -17.45 27.60
CA THR B 378 10.97 -16.86 26.99
C THR B 378 11.29 -16.17 25.64
N LEU B 379 10.31 -16.05 24.76
CA LEU B 379 10.49 -15.34 23.49
C LEU B 379 10.97 -13.91 23.74
N GLN B 380 10.49 -13.27 24.80
CA GLN B 380 10.87 -11.87 25.11
C GLN B 380 12.33 -11.70 25.49
N ASP B 381 12.92 -12.76 26.04
CA ASP B 381 14.32 -12.78 26.40
C ASP B 381 15.21 -12.46 25.21
N PHE B 382 14.74 -12.80 24.02
CA PHE B 382 15.54 -12.67 22.80
C PHE B 382 15.33 -11.32 22.12
N ASP B 383 14.55 -10.45 22.73
CA ASP B 383 14.07 -9.25 22.02
C ASP B 383 15.22 -8.48 21.39
N ASP B 384 15.22 -8.39 20.07
CA ASP B 384 16.32 -7.74 19.38
C ASP B 384 15.87 -7.58 17.98
N ILE B 385 16.13 -6.39 17.43
CA ILE B 385 15.80 -6.14 16.04
C ILE B 385 16.33 -7.24 15.09
N GLU B 386 17.53 -7.77 15.33
CA GLU B 386 18.11 -8.71 14.39
C GLU B 386 17.32 -10.02 14.40
N VAL B 387 16.87 -10.41 15.59
CA VAL B 387 16.08 -11.65 15.71
C VAL B 387 14.68 -11.45 15.14
N LYS B 388 14.12 -10.25 15.31
CA LYS B 388 12.86 -9.96 14.62
C LYS B 388 13.00 -10.22 13.11
N GLY B 389 14.16 -9.86 12.57
CA GLY B 389 14.47 -10.07 11.17
C GLY B 389 14.61 -11.53 10.78
N PHE B 390 15.25 -12.31 11.64
CA PHE B 390 15.33 -13.76 11.43
C PHE B 390 13.94 -14.39 11.42
N PHE B 391 13.05 -13.97 12.31
CA PHE B 391 11.67 -14.48 12.27
C PHE B 391 10.98 -14.15 10.95
N GLN B 392 11.21 -12.95 10.48
CA GLN B 392 10.65 -12.50 9.22
C GLN B 392 11.21 -13.33 8.08
N ASP B 393 12.51 -13.56 8.12
CA ASP B 393 13.13 -14.27 6.99
C ASP B 393 13.09 -15.76 7.05
N TYR B 394 13.03 -16.33 8.24
CA TYR B 394 13.12 -17.80 8.36
C TYR B 394 11.87 -18.48 8.95
N VAL B 395 11.15 -17.79 9.81
CA VAL B 395 10.00 -18.39 10.49
C VAL B 395 8.73 -18.09 9.72
N GLU B 396 8.51 -16.82 9.37
CA GLU B 396 7.33 -16.49 8.58
C GLU B 396 7.31 -17.20 7.24
N THR B 397 8.46 -17.46 6.70
CA THR B 397 8.56 -18.05 5.37
C THR B 397 8.57 -19.57 5.42
N GLY B 398 8.40 -20.18 6.59
CA GLY B 398 8.34 -21.63 6.70
C GLY B 398 9.69 -22.36 6.61
N LYS B 399 10.77 -21.61 6.59
CA LYS B 399 12.10 -22.22 6.46
C LYS B 399 12.54 -22.87 7.77
N ALA B 400 12.07 -22.33 8.89
CA ALA B 400 12.41 -22.88 10.20
C ALA B 400 11.25 -22.65 11.14
N THR B 401 11.17 -23.47 12.19
CA THR B 401 10.12 -23.30 13.16
C THR B 401 10.65 -22.28 14.17
N ALA B 402 9.80 -21.73 15.00
CA ALA B 402 10.32 -20.77 15.96
C ALA B 402 11.25 -21.47 16.93
N GLU B 403 10.94 -22.72 17.23
CA GLU B 403 11.76 -23.47 18.18
C GLU B 403 13.20 -23.66 17.65
N GLU B 404 13.31 -24.04 16.39
CA GLU B 404 14.61 -24.19 15.77
C GLU B 404 15.38 -22.87 15.80
N LEU B 405 14.73 -21.78 15.45
CA LEU B 405 15.41 -20.47 15.44
C LEU B 405 15.91 -20.14 16.82
N LEU B 406 15.06 -20.26 17.85
CA LEU B 406 15.44 -19.86 19.18
C LEU B 406 16.44 -20.79 19.85
N THR B 407 16.41 -22.09 19.51
CA THR B 407 17.40 -23.05 20.05
C THR B 407 18.76 -22.65 19.58
N ASN B 408 18.85 -22.20 18.33
CA ASN B 408 20.14 -21.88 17.79
C ASN B 408 20.58 -20.48 18.23
N VAL B 409 19.64 -19.53 18.20
CA VAL B 409 19.95 -18.15 18.55
C VAL B 409 20.29 -18.01 20.04
N ALA B 410 19.89 -18.98 20.86
CA ALA B 410 20.40 -19.01 22.23
C ALA B 410 21.92 -18.94 22.26
N LEU B 411 22.58 -19.55 21.27
CA LEU B 411 24.04 -19.60 21.31
C LEU B 411 24.64 -18.34 20.72
N THR B 412 23.90 -17.63 19.89
CA THR B 412 24.50 -16.50 19.17
C THR B 412 23.90 -15.14 19.46
N SER B 413 22.77 -15.11 20.16
CA SER B 413 22.01 -13.88 20.42
C SER B 413 22.88 -12.73 20.92
N ARG B 414 22.67 -11.58 20.32
CA ARG B 414 23.34 -10.37 20.80
C ARG B 414 23.00 -10.05 22.26
N ASN B 415 21.86 -10.51 22.70
CA ASN B 415 21.41 -10.30 24.05
C ASN B 415 22.28 -11.04 25.07
N ASN B 416 23.02 -12.05 24.62
CA ASN B 416 23.97 -12.70 25.52
C ASN B 416 24.95 -11.72 26.11
N ALA B 417 25.30 -10.72 25.30
CA ALA B 417 26.31 -9.71 25.68
C ALA B 417 25.71 -8.50 26.39
N ARG B 418 24.39 -8.39 26.39
CA ARG B 418 23.75 -7.13 26.77
C ARG B 418 23.01 -7.18 28.11
N THR B 419 23.15 -8.27 28.85
CA THR B 419 22.49 -8.36 30.14
C THR B 419 23.26 -7.46 31.08
N PRO B 420 22.59 -6.98 32.13
CA PRO B 420 23.20 -5.95 32.99
C PRO B 420 24.50 -6.40 33.59
N PHE B 421 25.48 -5.49 33.66
CA PHE B 421 26.79 -5.80 34.24
C PHE B 421 26.59 -6.21 35.67
N GLN B 422 27.37 -7.19 36.14
CA GLN B 422 27.09 -7.77 37.44
C GLN B 422 27.92 -7.15 38.56
N TRP B 423 27.42 -6.08 39.18
CA TRP B 423 28.25 -5.35 40.15
C TRP B 423 28.42 -6.00 41.50
N ASP B 424 27.33 -6.60 41.97
CA ASP B 424 27.34 -7.21 43.30
C ASP B 424 26.15 -8.14 43.44
N ASP B 425 25.91 -8.65 44.65
CA ASP B 425 24.85 -9.64 44.77
C ASP B 425 23.58 -9.05 45.36
N SER B 426 23.45 -7.73 45.31
CA SER B 426 22.19 -7.07 45.67
C SER B 426 21.18 -7.23 44.56
N ALA B 427 20.04 -6.56 44.67
CA ALA B 427 18.94 -6.77 43.72
C ALA B 427 19.39 -6.36 42.33
N ASN B 428 19.10 -7.22 41.36
CA ASN B 428 19.56 -7.05 39.97
C ASN B 428 21.02 -6.74 39.83
N ALA B 429 21.81 -7.44 40.64
CA ALA B 429 23.26 -7.37 40.69
C ALA B 429 23.83 -5.96 40.85
N GLY B 430 23.09 -5.06 41.48
CA GLY B 430 23.62 -3.74 41.75
C GLY B 430 23.54 -2.90 40.50
N PHE B 431 22.97 -3.42 39.42
CA PHE B 431 22.95 -2.64 38.19
C PHE B 431 21.89 -1.57 38.28
N THR B 432 20.74 -1.92 38.87
CA THR B 432 19.61 -0.98 38.93
C THR B 432 18.81 -1.14 40.20
N THR B 433 18.11 -0.07 40.60
CA THR B 433 17.18 -0.15 41.72
C THR B 433 15.75 -0.31 41.20
N GLY B 434 15.59 -0.24 39.87
CA GLY B 434 14.30 -0.46 39.22
C GLY B 434 14.27 -1.83 38.54
N LYS B 435 13.50 -1.94 37.45
CA LYS B 435 13.40 -3.18 36.69
C LYS B 435 14.36 -3.05 35.50
N PRO B 436 15.35 -3.96 35.38
CA PRO B 436 16.35 -3.81 34.29
C PRO B 436 15.74 -4.07 32.93
N TRP B 437 16.21 -3.33 31.92
CA TRP B 437 15.58 -3.35 30.61
C TRP B 437 15.68 -4.76 30.02
N LEU B 438 16.72 -5.49 30.42
CA LEU B 438 16.95 -6.88 30.07
C LEU B 438 17.28 -7.62 31.36
N LYS B 439 16.77 -8.84 31.56
CA LYS B 439 17.01 -9.57 32.81
C LYS B 439 18.47 -9.82 33.14
N VAL B 440 18.78 -9.69 34.43
CA VAL B 440 20.07 -10.04 34.96
C VAL B 440 20.25 -11.56 34.93
N ASN B 441 21.44 -12.02 34.57
CA ASN B 441 21.71 -13.44 34.54
C ASN B 441 21.60 -13.91 35.99
N PRO B 442 20.87 -15.01 36.25
CA PRO B 442 20.75 -15.40 37.66
C PRO B 442 22.11 -15.89 38.25
N ASN B 443 23.15 -16.06 37.43
CA ASN B 443 24.47 -16.44 37.98
C ASN B 443 25.21 -15.27 38.66
N TYR B 444 24.55 -14.14 38.74
CA TYR B 444 25.18 -12.96 39.32
C TYR B 444 25.39 -13.20 40.83
N THR B 445 24.61 -14.09 41.42
CA THR B 445 24.81 -14.40 42.84
C THR B 445 26.24 -14.88 43.08
N GLU B 446 26.83 -15.51 42.07
CA GLU B 446 28.20 -16.01 42.17
C GLU B 446 29.22 -15.25 41.31
N ILE B 447 28.76 -14.63 40.23
CA ILE B 447 29.67 -13.88 39.37
C ILE B 447 29.37 -12.41 39.51
N ASN B 448 30.21 -11.70 40.26
CA ASN B 448 29.96 -10.26 40.38
C ASN B 448 31.23 -9.56 40.83
N ALA B 449 31.34 -8.28 40.44
CA ALA B 449 32.53 -7.49 40.68
C ALA B 449 32.92 -7.48 42.14
N ALA B 450 31.96 -7.23 42.99
CA ALA B 450 32.31 -6.99 44.40
C ALA B 450 32.99 -8.25 44.94
N ARG B 451 32.50 -9.42 44.53
CA ARG B 451 33.08 -10.66 45.02
C ARG B 451 34.44 -10.95 44.44
N GLU B 452 34.67 -10.56 43.19
CA GLU B 452 35.95 -10.86 42.57
C GLU B 452 37.07 -9.87 42.92
N ILE B 453 36.70 -8.64 43.17
CA ILE B 453 37.74 -7.63 43.42
C ILE B 453 38.56 -7.93 44.68
N GLY B 454 37.91 -8.47 45.70
CA GLY B 454 38.60 -8.73 46.93
C GLY B 454 39.30 -10.07 46.99
N ASP B 455 39.35 -10.76 45.85
CA ASP B 455 39.80 -12.13 45.82
C ASP B 455 40.92 -12.29 44.85
N PRO B 456 42.14 -12.49 45.35
CA PRO B 456 43.31 -12.59 44.48
C PRO B 456 43.32 -13.75 43.48
N LYS B 457 42.48 -14.76 43.69
CA LYS B 457 42.35 -15.84 42.71
C LYS B 457 41.17 -15.68 41.73
N SER B 458 40.52 -14.52 41.73
CA SER B 458 39.33 -14.33 40.88
C SER B 458 39.72 -14.12 39.43
N VAL B 459 38.70 -14.15 38.57
CA VAL B 459 38.90 -13.84 37.16
C VAL B 459 39.32 -12.37 37.06
N TYR B 460 38.61 -11.52 37.80
CA TYR B 460 38.99 -10.12 37.84
C TYR B 460 40.48 -9.92 38.16
N SER B 461 41.02 -10.61 39.19
CA SER B 461 42.38 -10.29 39.60
C SER B 461 43.34 -10.76 38.54
N PHE B 462 42.98 -11.82 37.83
CA PHE B 462 43.88 -12.32 36.82
C PHE B 462 43.99 -11.34 35.65
N TYR B 463 42.86 -10.76 35.25
CA TYR B 463 42.83 -9.77 34.18
C TYR B 463 43.66 -8.59 34.65
N ARG B 464 43.39 -8.15 35.88
CA ARG B 464 44.14 -7.02 36.43
C ARG B 464 45.64 -7.27 36.39
N ASN B 465 46.04 -8.47 36.78
CA ASN B 465 47.45 -8.79 36.76
C ASN B 465 48.03 -8.89 35.35
N LEU B 466 47.26 -9.44 34.42
CA LEU B 466 47.68 -9.57 33.06
C LEU B 466 47.79 -8.15 32.48
N ILE B 467 46.86 -7.28 32.79
CA ILE B 467 46.98 -5.89 32.23
C ILE B 467 48.28 -5.19 32.69
N SER B 468 48.62 -5.38 33.96
N SER B 468 48.62 -5.40 33.96
CA SER B 468 49.89 -4.86 34.50
CA SER B 468 49.88 -4.87 34.50
C SER B 468 51.10 -5.43 33.76
C SER B 468 51.09 -5.43 33.77
N ILE B 469 51.11 -6.75 33.58
CA ILE B 469 52.21 -7.39 32.88
C ILE B 469 52.37 -6.87 31.47
N ARG B 470 51.26 -6.79 30.72
CA ARG B 470 51.32 -6.27 29.36
C ARG B 470 51.88 -4.83 29.35
N HIS B 471 51.40 -4.01 30.27
CA HIS B 471 51.88 -2.65 30.40
C HIS B 471 53.38 -2.55 30.66
N GLU B 472 53.92 -3.48 31.42
CA GLU B 472 55.33 -3.38 31.77
C GLU B 472 56.22 -4.12 30.78
N THR B 473 55.64 -4.78 29.77
CA THR B 473 56.39 -5.59 28.85
C THR B 473 56.12 -5.18 27.43
N PRO B 474 56.94 -4.28 26.87
CA PRO B 474 56.71 -3.80 25.49
C PRO B 474 56.49 -4.89 24.44
N ALA B 475 57.18 -6.02 24.55
CA ALA B 475 57.03 -7.05 23.54
C ALA B 475 55.60 -7.60 23.48
N LEU B 476 54.86 -7.51 24.58
CA LEU B 476 53.51 -8.09 24.62
C LEU B 476 52.50 -7.12 24.02
N SER B 477 52.92 -5.88 23.79
CA SER B 477 52.02 -4.99 23.02
C SER B 477 52.46 -4.93 21.56
N THR B 478 53.61 -4.33 21.33
CA THR B 478 54.06 -4.10 19.94
C THR B 478 55.08 -5.11 19.37
N GLY B 479 55.34 -6.20 20.11
CA GLY B 479 56.27 -7.23 19.63
C GLY B 479 55.72 -8.00 18.44
N SER B 480 56.59 -8.68 17.71
CA SER B 480 56.18 -9.54 16.61
C SER B 480 55.35 -10.67 17.20
N TYR B 481 54.64 -11.41 16.36
CA TYR B 481 53.84 -12.55 16.81
C TYR B 481 54.22 -13.72 15.94
N ARG B 482 54.31 -14.88 16.53
CA ARG B 482 54.59 -16.06 15.70
C ARG B 482 53.94 -17.24 16.37
N ASP B 483 53.09 -17.90 15.63
CA ASP B 483 52.41 -19.09 16.13
C ASP B 483 53.40 -20.24 15.97
N ILE B 484 53.73 -20.86 17.09
CA ILE B 484 54.62 -22.01 17.14
C ILE B 484 54.15 -23.22 16.36
N ASP B 485 52.85 -23.48 16.35
CA ASP B 485 52.37 -24.61 15.54
C ASP B 485 50.90 -24.51 15.17
N PRO B 486 50.65 -23.90 14.02
CA PRO B 486 49.26 -23.62 13.66
C PRO B 486 48.38 -24.86 13.45
N SER B 487 48.93 -26.08 13.33
CA SER B 487 48.09 -27.28 13.13
C SER B 487 47.65 -27.95 14.44
N ASN B 488 48.24 -27.52 15.53
CA ASN B 488 47.97 -28.09 16.85
C ASN B 488 46.58 -27.67 17.34
N ALA B 489 45.72 -28.65 17.56
CA ALA B 489 44.35 -28.35 17.99
C ALA B 489 44.14 -28.50 19.50
N ASP B 490 45.23 -28.62 20.26
CA ASP B 490 45.08 -28.78 21.70
C ASP B 490 45.67 -27.63 22.48
N VAL B 491 46.91 -27.29 22.17
CA VAL B 491 47.62 -26.27 22.93
C VAL B 491 48.00 -25.14 21.98
N TYR B 492 47.65 -23.92 22.38
CA TYR B 492 47.89 -22.74 21.59
C TYR B 492 49.13 -22.16 22.19
N ALA B 493 50.17 -22.02 21.38
CA ALA B 493 51.45 -21.48 21.83
C ALA B 493 52.00 -20.55 20.78
N TYR B 494 52.58 -19.43 21.23
CA TYR B 494 53.10 -18.48 20.28
C TYR B 494 54.12 -17.59 21.00
N THR B 495 54.99 -16.93 20.25
CA THR B 495 56.01 -16.08 20.86
C THR B 495 55.71 -14.62 20.54
N ARG B 496 56.19 -13.70 21.38
CA ARG B 496 56.09 -12.27 21.11
C ARG B 496 57.48 -11.71 21.34
N SER B 497 58.03 -11.00 20.36
CA SER B 497 59.41 -10.60 20.47
C SER B 497 59.64 -9.14 20.10
N GLN B 498 60.50 -8.48 20.87
CA GLN B 498 60.94 -7.12 20.55
C GLN B 498 62.29 -6.83 21.16
N ASP B 499 63.17 -6.14 20.39
CA ASP B 499 64.45 -5.62 20.91
C ASP B 499 65.22 -6.75 21.58
N GLY B 500 65.20 -7.92 20.97
CA GLY B 500 65.91 -9.08 21.53
C GLY B 500 65.36 -9.64 22.84
N GLU B 501 64.11 -9.36 23.14
CA GLU B 501 63.49 -10.03 24.28
C GLU B 501 62.38 -10.90 23.71
N THR B 502 62.28 -12.17 24.12
CA THR B 502 61.22 -13.03 23.60
C THR B 502 60.39 -13.64 24.73
N TYR B 503 59.07 -13.56 24.58
CA TYR B 503 58.14 -14.11 25.55
C TYR B 503 57.38 -15.21 24.85
N LEU B 504 56.99 -16.20 25.64
CA LEU B 504 56.26 -17.36 25.11
C LEU B 504 54.94 -17.50 25.85
N VAL B 505 53.85 -17.73 25.10
CA VAL B 505 52.57 -17.81 25.73
C VAL B 505 52.08 -19.18 25.39
N VAL B 506 51.58 -19.91 26.39
CA VAL B 506 51.13 -21.28 26.17
C VAL B 506 49.80 -21.47 26.88
N VAL B 507 48.81 -21.97 26.16
CA VAL B 507 47.45 -22.04 26.71
C VAL B 507 46.82 -23.36 26.29
N ASN B 508 46.42 -24.17 27.26
CA ASN B 508 45.84 -25.46 26.94
C ASN B 508 44.34 -25.28 26.77
N PHE B 509 43.82 -25.59 25.58
CA PHE B 509 42.40 -25.39 25.32
C PHE B 509 41.66 -26.67 25.56
N LYS B 510 42.37 -27.67 26.07
CA LYS B 510 41.70 -28.91 26.40
C LYS B 510 41.38 -28.98 27.90
N ALA B 511 40.33 -29.72 28.25
CA ALA B 511 39.98 -29.94 29.63
C ALA B 511 40.65 -31.24 30.14
N GLU B 512 41.88 -31.43 29.70
CA GLU B 512 42.69 -32.60 30.03
C GLU B 512 44.13 -32.10 30.10
N PRO B 513 44.98 -32.79 30.88
CA PRO B 513 46.43 -32.58 30.85
C PRO B 513 46.99 -32.70 29.45
N ARG B 514 47.96 -31.87 29.13
CA ARG B 514 48.55 -31.93 27.82
C ARG B 514 49.98 -31.55 28.08
N SER B 515 50.88 -31.98 27.21
CA SER B 515 52.26 -31.56 27.36
C SER B 515 52.52 -30.62 26.22
N PHE B 516 53.63 -29.90 26.34
CA PHE B 516 54.04 -28.97 25.31
C PHE B 516 55.56 -28.90 25.15
N THR B 517 56.05 -29.04 23.93
CA THR B 517 57.49 -29.02 23.78
C THR B 517 57.93 -27.70 23.14
N LEU B 518 58.82 -26.98 23.82
CA LEU B 518 59.31 -25.70 23.28
C LEU B 518 60.09 -25.98 22.01
N PRO B 519 60.11 -25.02 21.08
CA PRO B 519 60.89 -25.19 19.86
C PRO B 519 62.35 -25.49 20.17
N ASP B 520 63.00 -26.22 19.27
CA ASP B 520 64.41 -26.55 19.42
C ASP B 520 65.19 -25.27 19.70
N GLY B 521 66.08 -25.32 20.68
CA GLY B 521 66.94 -24.19 20.95
C GLY B 521 66.36 -23.17 21.92
N MET B 522 65.10 -23.35 22.31
CA MET B 522 64.42 -22.40 23.18
C MET B 522 64.21 -22.98 24.57
N HIS B 523 64.41 -22.18 25.60
CA HIS B 523 64.29 -22.67 26.97
C HIS B 523 63.65 -21.61 27.83
N ILE B 524 62.90 -22.02 28.86
CA ILE B 524 62.29 -21.06 29.76
C ILE B 524 63.32 -20.28 30.59
N ALA B 525 63.23 -18.96 30.62
CA ALA B 525 64.07 -18.18 31.53
C ALA B 525 63.34 -17.81 32.81
N GLU B 526 62.09 -17.39 32.66
CA GLU B 526 61.33 -16.84 33.78
C GLU B 526 59.84 -17.00 33.53
N THR B 527 59.06 -17.18 34.59
CA THR B 527 57.61 -17.32 34.44
C THR B 527 56.97 -16.04 34.93
N LEU B 528 56.18 -15.35 34.10
CA LEU B 528 55.57 -14.08 34.49
C LEU B 528 54.25 -14.33 35.21
N ILE B 529 53.53 -15.35 34.76
CA ILE B 529 52.21 -15.56 35.31
C ILE B 529 51.68 -16.83 34.71
N GLU B 530 50.94 -17.57 35.51
CA GLU B 530 50.19 -18.74 35.06
C GLU B 530 48.80 -18.78 35.66
N SER B 531 47.87 -19.45 34.98
CA SER B 531 46.56 -19.69 35.56
C SER B 531 46.34 -21.21 35.61
N SER B 532 45.60 -21.69 36.62
CA SER B 532 45.32 -23.11 36.83
C SER B 532 46.57 -23.98 36.87
N SER B 533 47.68 -23.44 37.40
CA SER B 533 48.96 -24.19 37.41
C SER B 533 49.50 -24.40 38.83
N PRO B 534 49.89 -25.63 39.16
CA PRO B 534 50.29 -25.84 40.55
C PRO B 534 51.76 -25.55 40.75
N ALA B 535 52.51 -25.46 39.66
CA ALA B 535 53.95 -25.20 39.79
C ALA B 535 54.50 -24.58 38.53
N ALA B 536 55.24 -23.51 38.68
CA ALA B 536 55.90 -22.90 37.55
C ALA B 536 56.97 -23.84 37.13
N PRO B 537 57.22 -23.89 35.83
CA PRO B 537 58.34 -24.65 35.30
C PRO B 537 59.65 -24.24 35.90
N ALA B 538 60.68 -25.08 35.73
CA ALA B 538 62.05 -24.78 36.14
C ALA B 538 62.77 -23.92 35.12
N ALA B 539 63.63 -23.02 35.61
CA ALA B 539 64.51 -22.31 34.71
C ALA B 539 65.28 -23.32 33.86
N GLY B 540 65.41 -23.03 32.57
CA GLY B 540 66.02 -23.97 31.65
C GLY B 540 65.08 -24.99 31.02
N ALA B 541 63.84 -25.09 31.49
CA ALA B 541 62.91 -26.10 30.97
C ALA B 541 62.75 -26.07 29.45
N ALA B 542 62.73 -27.24 28.84
CA ALA B 542 62.54 -27.37 27.40
C ALA B 542 61.13 -27.81 27.08
N SER B 543 60.33 -28.09 28.11
CA SER B 543 58.99 -28.60 27.90
C SER B 543 58.12 -28.13 29.05
N LEU B 544 56.80 -28.24 28.91
CA LEU B 544 55.88 -27.90 30.01
C LEU B 544 54.80 -28.98 30.13
N GLU B 545 54.38 -29.24 31.36
CA GLU B 545 53.21 -30.09 31.62
C GLU B 545 52.06 -29.19 32.01
N LEU B 546 50.93 -29.33 31.33
CA LEU B 546 49.85 -28.37 31.46
C LEU B 546 48.65 -29.04 32.04
N GLN B 547 48.02 -28.39 33.01
CA GLN B 547 46.79 -28.85 33.58
C GLN B 547 45.64 -28.42 32.64
N PRO B 548 44.42 -28.98 32.84
CA PRO B 548 43.27 -28.51 32.05
C PRO B 548 43.18 -27.00 32.00
N TRP B 549 43.05 -26.43 30.79
CA TRP B 549 42.85 -24.99 30.68
C TRP B 549 43.98 -24.11 31.24
N GLN B 550 45.12 -24.70 31.56
CA GLN B 550 46.22 -23.89 32.08
C GLN B 550 46.71 -22.87 31.08
N SER B 551 47.04 -21.67 31.56
CA SER B 551 47.65 -20.68 30.68
C SER B 551 48.88 -20.10 31.36
N GLY B 552 49.79 -19.61 30.57
CA GLY B 552 51.00 -19.02 31.14
C GLY B 552 51.72 -18.13 30.18
N ILE B 553 52.44 -17.16 30.75
CA ILE B 553 53.32 -16.30 29.99
C ILE B 553 54.73 -16.48 30.55
N TYR B 554 55.70 -16.68 29.66
CA TYR B 554 57.10 -16.96 30.09
C TYR B 554 58.11 -16.14 29.29
N LYS B 555 59.21 -15.71 29.92
CA LYS B 555 60.31 -15.14 29.16
C LYS B 555 61.22 -16.30 28.81
N VAL B 556 61.67 -16.38 27.56
CA VAL B 556 62.49 -17.52 27.18
C VAL B 556 63.90 -17.05 26.91
N LYS B 557 64.81 -18.01 26.90
CA LYS B 557 66.18 -17.77 26.47
C LYS B 557 66.59 -18.90 25.52
CA CA C . -20.85 -8.54 -32.80
C1 GLC D . -25.97 4.50 -14.34
C2 GLC D . -26.23 3.58 -15.57
C3 GLC D . -26.09 2.09 -15.15
C4 GLC D . -24.67 1.96 -14.62
C5 GLC D . -24.46 2.84 -13.46
C6 GLC D . -22.98 2.78 -13.00
O1 GLC D . -26.97 4.19 -13.30
O2 GLC D . -27.52 3.98 -16.27
O3 GLC D . -26.23 1.17 -16.25
O4 GLC D . -24.31 0.63 -14.16
O5 GLC D . -24.65 4.22 -13.85
O6 GLC D . -22.16 3.33 -14.06
CA CA E . 19.10 5.18 33.89
C1 GLC F . 27.09 -2.63 13.67
C2 GLC F . 26.81 -2.57 15.19
C3 GLC F . 25.49 -3.29 15.49
C4 GLC F . 24.41 -2.57 14.73
C5 GLC F . 24.70 -2.53 13.24
C6 GLC F . 23.64 -1.67 12.48
O1 GLC F . 27.06 -4.02 13.28
O2 GLC F . 28.00 -3.05 15.96
O3 GLC F . 25.21 -3.29 16.96
O4 GLC F . 23.14 -3.17 14.93
O5 GLC F . 26.00 -1.96 13.02
O6 GLC F . 23.81 -0.35 13.10
C1 GOL G . 48.35 -1.18 1.28
O1 GOL G . 48.95 -1.74 2.44
C2 GOL G . 49.36 -0.41 0.41
O2 GOL G . 50.09 0.59 1.10
C3 GOL G . 48.75 0.25 -0.83
O3 GOL G . 48.39 1.62 -0.70
#